data_1G1N
#
_entry.id   1G1N
#
_cell.length_a   1.000
_cell.length_b   1.000
_cell.length_c   1.000
_cell.angle_alpha   90.00
_cell.angle_beta   90.00
_cell.angle_gamma   90.00
#
_symmetry.space_group_name_H-M   'P 1'
#
loop_
_entity.id
_entity.type
_entity.pdbx_description
1 polymer "5'-D(P*GP*CP*GP*TP*T)-3'"
2 polymer "5'-D(*GP*TP*CP*GP*C)-3'"
3 polymer "5'-D(P*GP*CP*GP*AP*CP*AP*AP*CP*GP*C)-3'"
4 non-polymer 'PHOSPHORYL-HEXAETHYLENE GLYCOL'
#
loop_
_entity_poly.entity_id
_entity_poly.type
_entity_poly.pdbx_seq_one_letter_code
_entity_poly.pdbx_strand_id
1 'polydeoxyribonucleotide' (DG)(DC)(DG)(DT)(DT) A
2 'polydeoxyribonucleotide' (DG)(DT)(DC)(DG)(DC) B
3 'polydeoxyribonucleotide' (DG)(DC)(DG)(DA)(DC)(DA)(DA)(DC)(DG)(DC) C
#
loop_
_chem_comp.id
_chem_comp.type
_chem_comp.name
_chem_comp.formula
DA DNA linking 2'-DEOXYADENOSINE-5'-MONOPHOSPHATE 'C10 H14 N5 O6 P'
DC DNA linking 2'-DEOXYCYTIDINE-5'-MONOPHOSPHATE 'C9 H14 N3 O7 P'
DG DNA linking 2'-DEOXYGUANOSINE-5'-MONOPHOSPHATE 'C10 H14 N5 O7 P'
DT DNA linking THYMIDINE-5'-MONOPHOSPHATE 'C10 H15 N2 O8 P'
PE6 non-polymer 'PHOSPHORYL-HEXAETHYLENE GLYCOL' 'C12 H27 O10 P'
#
# COMPACT_ATOMS: atom_id res chain seq x y z
C3 PE6 D . -13.89 8.37 -1.86
O2 PE6 D . -13.88 9.59 -1.12
P1 PE6 D . -12.52 10.36 -0.75
OP1 PE6 D . -11.48 10.01 -1.75
OP2 PE6 D . -12.86 11.78 -0.48
C4 PE6 D . -13.12 7.22 -1.17
O5 PE6 D . -13.66 6.95 0.13
C6 PE6 D . -13.01 5.83 0.70
C7 PE6 D . -13.62 5.48 2.07
O8 PE6 D . -13.19 6.40 3.07
C9 PE6 D . -13.71 6.04 4.35
C10 PE6 D . -13.15 6.96 5.43
O11 PE6 D . -13.53 6.48 6.72
O20 PE6 D . -13.79 4.56 16.11
C19 PE6 D . -13.34 5.83 15.70
C18 PE6 D . -12.90 5.89 14.24
O17 PE6 D . -12.73 7.25 13.85
C16 PE6 D . -12.17 7.40 12.54
C15 PE6 D . -13.04 6.78 11.45
O14 PE6 D . -12.61 7.23 10.17
C13 PE6 D . -13.37 6.65 9.12
C12 PE6 D . -12.92 7.22 7.76
H31 PE6 D . -14.92 8.06 -1.98
H32 PE6 D . -13.45 8.54 -2.85
H41 PE6 D . -13.23 6.34 -1.80
H42 PE6 D . -12.06 7.47 -1.09
H61 PE6 D . -13.13 4.96 0.06
H62 PE6 D . -11.95 6.03 0.83
H71 PE6 D . -14.71 5.49 1.98
H72 PE6 D . -13.29 4.47 2.34
H91 PE6 D . -14.80 6.09 4.35
H92 PE6 D . -13.40 5.01 4.59
H101 PE6 D . -12.07 6.98 5.35
H102 PE6 D . -13.53 7.98 5.28
H191 PE6 D . -12.52 6.17 16.34
H192 PE6 D . -14.17 6.53 15.84
H181 PE6 D . -11.94 5.36 14.14
H182 PE6 D . -13.66 5.40 13.62
H161 PE6 D . -12.07 8.46 12.33
H162 PE6 D . -11.18 6.95 12.51
H151 PE6 D . -12.98 5.70 11.49
H152 PE6 D . -14.08 7.09 11.60
H131 PE6 D . -13.24 5.57 9.12
H132 PE6 D . -14.43 6.89 9.24
H121 PE6 D . -11.83 7.13 7.69
H122 PE6 D . -13.21 8.27 7.70
C3 PE6 E . 11.03 -13.88 -3.10
O2 PE6 E . 12.43 -14.05 -2.95
P1 PE6 E . 13.07 -14.49 -1.53
OP1 PE6 E . 12.46 -15.78 -1.14
OP2 PE6 E . 14.54 -14.36 -1.63
C4 PE6 E . 10.70 -13.41 -4.51
O5 PE6 E . 11.48 -12.26 -4.85
C6 PE6 E . 11.09 -11.74 -6.13
C7 PE6 E . 11.99 -10.58 -6.54
O8 PE6 E . 11.40 -9.96 -7.69
C9 PE6 E . 12.21 -8.90 -8.21
C10 PE6 E . 11.45 -8.26 -9.37
O11 PE6 E . 12.20 -7.19 -9.94
O20 PE6 E . 11.26 0.74 -11.39
C19 PE6 E . 12.10 0.78 -10.24
C18 PE6 E . 13.52 0.30 -10.61
O17 PE6 E . 13.50 -0.93 -11.36
C16 PE6 E . 12.96 -2.02 -10.62
C15 PE6 E . 13.00 -3.28 -11.50
O14 PE6 E . 12.34 -4.36 -10.85
C13 PE6 E . 12.28 -5.51 -11.70
C12 PE6 E . 11.48 -6.62 -11.05
H31 PE6 E . 10.51 -14.82 -2.90
H32 PE6 E . 10.68 -13.12 -2.40
H41 PE6 E . 10.92 -14.22 -5.22
H42 PE6 E . 9.64 -13.18 -4.56
H61 PE6 E . 11.18 -12.53 -6.89
H62 PE6 E . 10.06 -11.40 -6.08
H71 PE6 E . 12.05 -9.85 -5.72
H72 PE6 E . 12.98 -10.95 -6.78
H91 PE6 E . 12.41 -8.16 -7.44
H92 PE6 E . 13.16 -9.31 -8.58
H101 PE6 E . 11.27 -9.03 -10.12
H102 PE6 E . 10.49 -7.89 -9.00
H191 PE6 E . 11.70 0.15 -9.46
H192 PE6 E . 12.17 1.80 -9.87
H181 PE6 E . 13.98 1.06 -11.22
H182 PE6 E . 14.10 0.17 -9.70
H161 PE6 E . 13.54 -2.20 -9.71
H162 PE6 E . 11.91 -1.84 -10.36
H151 PE6 E . 12.50 -3.05 -12.44
H152 PE6 E . 14.04 -3.54 -11.71
H131 PE6 E . 11.78 -5.24 -12.63
H132 PE6 E . 13.30 -5.86 -11.93
H121 PE6 E . 11.31 -7.40 -11.79
H122 PE6 E . 10.52 -6.23 -10.71
C3 PE6 D . -14.32 8.28 -1.16
O2 PE6 D . -13.99 9.41 -0.38
P1 PE6 D . -12.84 10.46 -0.82
OP1 PE6 D . -13.07 10.82 -2.23
OP2 PE6 D . -12.79 11.53 0.21
C4 PE6 D . -13.52 7.05 -0.73
O5 PE6 D . -13.85 6.73 0.61
C6 PE6 D . -13.18 5.53 1.05
C7 PE6 D . -13.65 5.18 2.46
O8 PE6 D . -13.21 6.18 3.39
C9 PE6 D . -13.69 5.88 4.71
C10 PE6 D . -13.11 6.87 5.72
O11 PE6 D . -13.48 6.45 7.02
O20 PE6 D . -13.39 4.39 16.18
C19 PE6 D . -12.91 5.69 15.89
C18 PE6 D . -12.56 5.86 14.41
O17 PE6 D . -12.40 7.25 14.10
C16 PE6 D . -11.93 7.47 12.77
C15 PE6 D . -12.88 6.89 11.71
O14 PE6 D . -12.47 7.35 10.42
C13 PE6 D . -13.29 6.76 9.40
C12 PE6 D . -12.86 7.27 8.02
H31 PE6 D . -15.38 8.06 -1.01
H32 PE6 D . -14.17 8.47 -2.22
H41 PE6 D . -13.79 6.22 -1.39
H42 PE6 D . -12.45 7.23 -0.83
H61 PE6 D . -13.45 4.71 0.38
H62 PE6 D . -12.11 5.69 1.03
H71 PE6 D . -14.74 5.13 2.46
H72 PE6 D . -13.23 4.22 2.74
H91 PE6 D . -14.78 5.94 4.73
H92 PE6 D . -13.37 4.88 4.99
H101 PE6 D . -12.02 6.87 5.62
H102 PE6 D . -13.48 7.87 5.51
H191 PE6 D . -12.03 5.92 16.50
H192 PE6 D . -13.70 6.40 16.15
H181 PE6 D . -11.64 5.34 14.20
H182 PE6 D . -13.37 5.44 13.82
H161 PE6 D . -11.85 8.55 12.61
H162 PE6 D . -10.94 7.03 12.65
H151 PE6 D . -12.83 5.80 11.73
H152 PE6 D . -13.90 7.22 11.91
H131 PE6 D . -13.18 5.67 9.42
H132 PE6 D . -14.34 7.02 9.56
H121 PE6 D . -11.77 7.18 7.94
H122 PE6 D . -13.15 8.31 7.91
C3 PE6 E . 10.74 -13.70 -3.27
O2 PE6 E . 12.14 -13.89 -3.19
P1 PE6 E . 12.82 -14.37 -1.81
OP1 PE6 E . 12.22 -15.66 -1.42
OP2 PE6 E . 14.30 -14.26 -1.95
C4 PE6 E . 10.37 -13.19 -4.67
O5 PE6 E . 11.13 -12.04 -5.02
C6 PE6 E . 10.71 -11.49 -6.27
C7 PE6 E . 11.60 -10.33 -6.69
O8 PE6 E . 10.97 -9.68 -7.80
C9 PE6 E . 11.78 -8.62 -8.33
C10 PE6 E . 10.97 -7.95 -9.44
O11 PE6 E . 11.70 -6.86 -10.02
O20 PE6 E . 10.73 1.10 -11.26
C19 PE6 E . 11.64 1.11 -10.16
C18 PE6 E . 13.02 0.63 -10.61
O17 PE6 E . 12.96 -0.58 -11.38
C16 PE6 E . 12.46 -1.69 -10.64
C15 PE6 E . 12.45 -2.92 -11.54
O14 PE6 E . 11.82 -4.02 -10.88
C13 PE6 E . 11.72 -5.15 -11.76
C12 PE6 E . 10.93 -6.28 -11.09
H31 PE6 E . 10.21 -14.63 -3.08
H32 PE6 E . 10.42 -12.94 -2.55
H41 PE6 E . 10.54 -13.99 -5.40
H42 PE6 E . 9.29 -12.94 -4.67
H61 PE6 E . 10.75 -12.26 -7.04
H62 PE6 E . 9.68 -11.14 -6.17
H71 PE6 E . 11.71 -9.62 -5.87
H72 PE6 E . 12.57 -10.71 -6.98
H91 PE6 E . 12.01 -7.89 -7.56
H92 PE6 E . 12.70 -9.03 -8.74
H101 PE6 E . 10.75 -8.70 -10.20
H102 PE6 E . 10.03 -7.57 -9.02
H191 PE6 E . 11.28 0.47 -9.36
H192 PE6 E . 11.72 2.11 -9.77
H181 PE6 E . 13.47 1.41 -11.23
H182 PE6 E . 13.66 0.47 -9.73
H161 PE6 E . 13.08 -1.88 -9.76
H162 PE6 E . 11.43 -1.51 -10.33
H151 PE6 E . 11.91 -2.67 -12.45
H152 PE6 E . 13.48 -3.19 -11.80
H131 PE6 E . 11.19 -4.87 -12.67
H132 PE6 E . 12.72 -5.50 -12.02
H121 PE6 E . 10.73 -7.04 -11.85
H122 PE6 E . 10.00 -5.88 -10.71
C3 PE6 D . -12.73 7.48 -2.35
O2 PE6 D . -12.58 8.71 -1.69
P1 PE6 D . -11.55 9.83 -2.22
OP1 PE6 D . -11.70 9.93 -3.69
OP2 PE6 D . -11.71 11.04 -1.39
C4 PE6 D . -13.67 6.59 -1.55
O5 PE6 D . -13.10 6.36 -0.26
C6 PE6 D . -13.95 5.55 0.56
C7 PE6 D . -13.30 5.32 1.92
O8 PE6 D . -13.10 6.58 2.57
C9 PE6 D . -12.54 6.37 3.88
C10 PE6 D . -12.34 7.70 4.60
O11 PE6 D . -12.00 7.41 5.95
O20 PE6 D . -13.01 4.12 13.62
C19 PE6 D . -14.13 4.98 13.62
C18 PE6 D . -14.01 5.94 12.43
O17 PE6 D . -13.98 5.16 11.24
C16 PE6 D . -14.05 5.96 10.05
C15 PE6 D . -12.83 6.87 9.87
O14 PE6 D . -12.86 7.36 8.52
C13 PE6 D . -11.73 8.18 8.20
C12 PE6 D . -11.87 8.59 6.74
H31 PE6 D . -13.15 7.63 -3.35
H32 PE6 D . -11.76 6.98 -2.45
H41 PE6 D . -14.63 7.09 -1.44
H42 PE6 D . -13.80 5.64 -2.06
H61 PE6 D . -14.91 6.04 0.69
H62 PE6 D . -14.11 4.58 0.07
H71 PE6 D . -13.95 4.69 2.51
H72 PE6 D . -12.34 4.82 1.78
H91 PE6 D . -13.22 5.75 4.47
H92 PE6 D . -11.58 5.88 3.78
H101 PE6 D . -11.54 8.28 4.13
H102 PE6 D . -13.27 8.27 4.56
H191 PE6 D . -14.16 5.55 14.56
H192 PE6 D . -15.07 4.44 13.51
H181 PE6 D . -14.88 6.60 12.43
H182 PE6 D . -13.10 6.54 12.53
H161 PE6 D . -14.08 5.28 9.19
H162 PE6 D . -14.96 6.55 10.05
H151 PE6 D . -12.87 7.71 10.56
H152 PE6 D . -11.92 6.30 10.02
H131 PE6 D . -11.71 9.06 8.85
H132 PE6 D . -10.81 7.61 8.34
H121 PE6 D . -11.00 9.17 6.42
H122 PE6 D . -12.77 9.21 6.65
C3 PE6 E . 12.51 -13.71 -5.55
O2 PE6 E . 12.14 -13.05 -4.35
P1 PE6 E . 12.06 -13.81 -2.94
OP1 PE6 E . 11.09 -14.92 -3.07
OP2 PE6 E . 13.45 -14.10 -2.49
C4 PE6 E . 12.46 -12.69 -6.69
O5 PE6 E . 11.14 -12.14 -6.73
C6 PE6 E . 11.04 -11.09 -7.70
C7 PE6 E . 9.62 -10.54 -7.67
O8 PE6 E . 9.53 -9.37 -8.49
C9 PE6 E . 8.21 -8.83 -8.45
C10 PE6 E . 8.14 -7.52 -9.25
O11 PE6 E . 9.13 -6.62 -8.77
O20 PE6 E . 7.19 1.77 -10.74
C19 PE6 E . 8.06 0.87 -10.10
C18 PE6 E . 9.29 0.58 -10.95
O17 PE6 E . 9.87 -0.70 -10.62
C16 PE6 E . 10.37 -0.73 -9.28
C15 PE6 E . 10.84 -2.16 -8.96
O14 PE6 E . 9.79 -3.07 -9.28
C13 PE6 E . 10.13 -4.41 -8.94
C12 PE6 E . 9.02 -5.35 -9.43
H31 PE6 E . 13.53 -14.11 -5.47
H32 PE6 E . 11.83 -14.53 -5.76
H41 PE6 E . 13.19 -11.90 -6.47
H42 PE6 E . 12.69 -13.17 -7.64
H61 PE6 E . 11.74 -10.29 -7.45
H62 PE6 E . 11.27 -11.48 -8.70
H71 PE6 E . 8.92 -11.30 -8.03
H72 PE6 E . 9.37 -10.28 -6.64
H91 PE6 E . 7.50 -9.55 -8.87
H92 PE6 E . 7.93 -8.61 -7.42
H101 PE6 E . 8.32 -7.75 -10.31
H102 PE6 E . 7.15 -7.09 -9.13
H191 PE6 E . 7.53 -0.07 -9.94
H192 PE6 E . 8.37 1.29 -9.14
H181 PE6 E . 8.99 0.55 -12.00
H182 PE6 E . 10.03 1.38 -10.83
H161 PE6 E . 11.19 -0.03 -9.15
H162 PE6 E . 9.58 -0.50 -8.57
H151 PE6 E . 11.73 -2.40 -9.55
H152 PE6 E . 11.07 -2.22 -7.89
H131 PE6 E . 11.07 -4.70 -9.41
H132 PE6 E . 10.23 -4.50 -7.86
H121 PE6 E . 9.12 -5.47 -10.51
H122 PE6 E . 8.05 -4.90 -9.21
C3 PE6 D . -14.84 8.29 -0.16
O2 PE6 D . -14.45 9.49 0.48
P1 PE6 D . -13.44 10.54 -0.21
OP1 PE6 D . -13.85 10.70 -1.63
OP2 PE6 D . -13.32 11.72 0.67
C4 PE6 D . -15.74 7.48 0.77
O5 PE6 D . -15.00 7.14 1.95
C6 PE6 D . -15.82 6.40 2.86
C7 PE6 D . -14.99 6.05 4.10
O8 PE6 D . -14.53 7.26 4.71
C9 PE6 D . -13.78 6.97 5.89
C10 PE6 D . -13.27 8.27 6.51
O11 PE6 D . -12.57 7.96 7.72
O20 PE6 D . -12.22 5.04 16.19
C19 PE6 D . -11.18 5.84 15.64
C18 PE6 D . -11.76 6.77 14.57
O17 PE6 D . -12.29 5.96 13.51
C16 PE6 D . -12.88 6.74 12.46
C15 PE6 D . -11.86 7.61 11.73
O14 PE6 D . -12.41 8.02 10.47
C13 PE6 D . -11.48 8.77 9.70
C12 PE6 D . -12.13 9.15 8.38
H31 PE6 D . -15.39 8.52 -1.08
H32 PE6 D . -13.96 7.70 -0.41
H41 PE6 D . -16.61 8.09 1.03
H42 PE6 D . -16.06 6.58 0.25
H61 PE6 D . -16.68 7.00 3.16
H62 PE6 D . -16.16 5.48 2.39
H71 PE6 D . -15.63 5.51 4.80
H72 PE6 D . -14.15 5.43 3.81
H91 PE6 D . -14.41 6.45 6.62
H92 PE6 D . -12.93 6.35 5.64
H101 PE6 D . -12.60 8.79 5.81
H102 PE6 D . -14.12 8.91 6.73
H191 PE6 D . -10.42 5.23 15.17
H192 PE6 D . -10.72 6.43 16.43
H181 PE6 D . -12.55 7.38 15.01
H182 PE6 D . -10.95 7.40 14.21
H161 PE6 D . -13.31 6.06 11.74
H162 PE6 D . -13.68 7.37 12.87
H151 PE6 D . -11.60 8.49 12.32
H152 PE6 D . -10.96 7.03 11.55
H131 PE6 D . -11.17 9.67 10.23
H132 PE6 D . -10.59 8.16 9.50
H121 PE6 D . -11.41 9.69 7.76
H122 PE6 D . -12.98 9.80 8.59
C3 PE6 E . 13.63 -15.28 -3.30
O2 PE6 E . 12.75 -14.50 -2.51
P1 PE6 E . 12.40 -14.87 -0.99
OP1 PE6 E . 11.37 -15.94 -1.00
OP2 PE6 E . 13.66 -15.08 -0.25
C4 PE6 E . 13.84 -14.54 -4.61
O5 PE6 E . 14.31 -13.22 -4.31
C6 PE6 E . 14.38 -12.41 -5.48
C7 PE6 E . 14.86 -11.01 -5.07
O8 PE6 E . 14.69 -10.12 -6.19
C9 PE6 E . 15.11 -8.80 -5.83
C10 PE6 E . 14.80 -7.86 -7.01
O11 PE6 E . 15.12 -6.51 -6.64
O20 PE6 E . 11.58 0.84 -11.85
C19 PE6 E . 12.47 0.40 -10.83
C18 PE6 E . 12.80 -1.09 -11.01
O17 PE6 E . 13.28 -1.69 -9.80
C16 PE6 E . 14.56 -1.19 -9.40
C15 PE6 E . 14.99 -1.98 -8.16
O14 PE6 E . 14.82 -3.37 -8.46
C13 PE6 E . 15.16 -4.19 -7.34
C12 PE6 E . 14.84 -5.63 -7.73
H31 PE6 E . 14.60 -15.38 -2.79
H32 PE6 E . 13.22 -16.26 -3.48
H41 PE6 E . 14.55 -15.06 -5.24
H42 PE6 E . 12.88 -14.48 -5.13
H61 PE6 E . 15.08 -12.84 -6.20
H62 PE6 E . 13.40 -12.32 -5.94
H71 PE6 E . 14.25 -10.67 -4.24
H72 PE6 E . 15.90 -11.05 -4.78
H91 PE6 E . 14.54 -8.45 -4.96
H92 PE6 E . 16.17 -8.77 -5.61
H101 PE6 E . 15.40 -8.17 -7.86
H102 PE6 E . 13.74 -7.94 -7.25
H191 PE6 E . 12.03 0.57 -9.84
H192 PE6 E . 13.39 0.97 -10.91
H181 PE6 E . 11.89 -1.61 -11.29
H182 PE6 E . 13.51 -1.22 -11.82
H161 PE6 E . 15.29 -1.35 -10.20
H162 PE6 E . 14.50 -0.12 -9.16
H151 PE6 E . 16.03 -1.76 -7.93
H152 PE6 E . 14.36 -1.69 -7.32
H131 PE6 E . 16.22 -4.09 -7.11
H132 PE6 E . 14.57 -3.91 -6.48
H121 PE6 E . 15.43 -5.91 -8.60
H122 PE6 E . 13.78 -5.70 -7.99
C3 PE6 D . -14.44 8.08 -0.68
O2 PE6 D . -14.12 9.28 0.00
P1 PE6 D . -13.09 10.36 -0.65
OP1 PE6 D . -13.44 10.52 -2.08
OP2 PE6 D . -13.05 11.53 0.24
C4 PE6 D . -15.35 7.24 0.20
O5 PE6 D . -14.67 6.92 1.41
C6 PE6 D . -15.50 6.16 2.29
C7 PE6 D . -14.73 5.85 3.58
O8 PE6 D . -14.32 7.08 4.18
C9 PE6 D . -13.61 6.84 5.39
C10 PE6 D . -13.15 8.16 6.01
O11 PE6 D . -12.50 7.90 7.25
O20 PE6 D . -12.48 5.28 15.84
C19 PE6 D . -11.43 6.06 15.30
C18 PE6 D . -11.97 6.95 14.18
O17 PE6 D . -12.44 6.10 13.12
C16 PE6 D . -12.99 6.83 12.02
C15 PE6 D . -11.95 7.69 11.31
O14 PE6 D . -12.46 8.04 10.02
C13 PE6 D . -11.50 8.78 9.25
C12 PE6 D . -12.11 9.12 7.89
H31 PE6 D . -14.95 8.31 -1.61
H32 PE6 D . -13.53 7.51 -0.89
H41 PE6 D . -16.26 7.82 0.42
H42 PE6 D . -15.63 6.33 -0.32
H61 PE6 D . -16.39 6.73 2.55
H62 PE6 D . -15.79 5.22 1.82
H71 PE6 D . -15.38 5.30 4.26
H72 PE6 D . -13.85 5.24 3.33
H91 PE6 D . -14.25 6.31 6.11
H92 PE6 D . -12.73 6.22 5.19
H101 PE6 D . -12.48 8.66 5.32
H102 PE6 D . -14.03 8.78 6.17
H191 PE6 D . -10.63 5.44 14.89
H192 PE6 D . -11.02 6.69 16.09
H181 PE6 D . -12.79 7.56 14.55
H182 PE6 D . -11.16 7.58 13.82
H161 PE6 D . -13.38 6.11 11.30
H162 PE6 D . -13.82 7.45 12.37
H151 PE6 D . -11.74 8.59 11.87
H152 PE6 D . -11.04 7.11 11.18
H131 PE6 D . -11.24 9.71 9.77
H132 PE6 D . -10.61 8.19 9.10
H121 PE6 D . -11.39 9.65 7.28
H122 PE6 D . -12.99 9.75 8.05
C3 PE6 E . 13.84 -14.96 -3.79
O2 PE6 E . 12.95 -14.27 -2.94
P1 PE6 E . 12.68 -14.72 -1.42
OP1 PE6 E . 11.72 -15.85 -1.44
OP2 PE6 E . 13.99 -14.88 -0.73
C4 PE6 E . 13.93 -14.16 -5.09
O5 PE6 E . 14.35 -12.83 -4.77
C6 PE6 E . 14.32 -11.98 -5.92
C7 PE6 E . 14.73 -10.58 -5.49
O8 PE6 E . 14.48 -9.66 -6.56
C9 PE6 E . 14.83 -8.33 -6.20
C10 PE6 E . 14.43 -7.38 -7.32
O11 PE6 E . 14.69 -6.04 -6.93
O20 PE6 E . 10.38 1.31 -11.55
C19 PE6 E . 11.35 0.87 -10.62
C18 PE6 E . 11.74 -0.59 -10.88
O17 PE6 E . 12.34 -1.20 -9.74
C16 PE6 E . 13.62 -0.65 -9.43
C15 PE6 E . 14.20 -1.46 -8.26
O14 PE6 E . 14.09 -2.84 -8.60
C13 PE6 E . 14.56 -3.69 -7.55
C12 PE6 E . 14.30 -5.14 -7.97
H31 PE6 E . 14.83 -15.02 -3.34
H32 PE6 E . 13.46 -15.96 -4.00
H41 PE6 E . 14.65 -14.63 -5.77
H42 PE6 E . 12.94 -14.14 -5.55
H61 PE6 E . 15.00 -12.36 -6.68
H62 PE6 E . 13.31 -11.95 -6.31
H71 PE6 E . 14.16 -10.29 -4.62
H72 PE6 E . 15.80 -10.57 -5.24
H91 PE6 E . 14.30 -8.04 -5.29
H92 PE6 E . 15.91 -8.26 -6.03
H101 PE6 E . 14.99 -7.63 -8.22
H102 PE6 E . 13.36 -7.52 -7.52
H191 PE6 E . 10.99 0.99 -9.60
H192 PE6 E . 12.24 1.49 -10.74
H181 PE6 E . 10.83 -1.15 -11.11
H182 PE6 E . 12.39 -0.66 -11.74
H161 PE6 E . 14.29 -0.75 -10.29
H162 PE6 E . 13.54 0.39 -9.13
H151 PE6 E . 15.23 -1.19 -8.09
H152 PE6 E . 13.60 -1.26 -7.37
H131 PE6 E . 15.63 -3.53 -7.39
H132 PE6 E . 14.02 -3.48 -6.63
H121 PE6 E . 14.87 -5.35 -8.88
H122 PE6 E . 13.24 -5.26 -8.18
C3 PE6 D . -14.80 8.23 -0.24
O2 PE6 D . -14.41 9.44 0.39
P1 PE6 D . -13.39 10.47 -0.33
OP1 PE6 D . -13.80 10.61 -1.75
OP2 PE6 D . -13.27 11.67 0.53
C4 PE6 D . -15.72 7.46 0.70
O5 PE6 D . -14.98 7.12 1.89
C6 PE6 D . -15.80 6.40 2.81
C7 PE6 D . -14.99 6.07 4.05
O8 PE6 D . -14.52 7.28 4.65
C9 PE6 D . -13.76 7.00 5.84
C10 PE6 D . -13.25 8.30 6.44
O11 PE6 D . -12.56 8.00 7.65
O20 PE6 D . -12.20 5.18 16.16
C19 PE6 D . -11.16 5.95 15.60
C18 PE6 D . -11.73 6.88 14.52
O17 PE6 D . -12.27 6.07 13.47
C16 PE6 D . -12.86 6.84 12.41
C15 PE6 D . -11.83 7.69 11.67
O14 PE6 D . -12.39 8.09 10.41
C13 PE6 D . -11.44 8.82 9.63
C12 PE6 D . -12.11 9.20 8.30
H31 PE6 D . -15.35 8.46 -1.16
H32 PE6 D . -13.93 7.63 -0.47
H41 PE6 D . -16.58 8.07 0.95
H42 PE6 D . -16.04 6.54 0.20
H61 PE6 D . -16.67 7.01 3.09
H62 PE6 D . -16.15 5.48 2.36
H71 PE6 D . -15.63 5.53 4.76
H72 PE6 D . -14.15 5.43 3.77
H91 PE6 D . -14.40 6.49 6.57
H92 PE6 D . -12.91 6.36 5.59
H101 PE6 D . -12.58 8.80 5.73
H102 PE6 D . -14.10 8.95 6.66
H191 PE6 D . -10.39 5.33 15.14
H192 PE6 D . -10.69 6.56 16.38
H181 PE6 D . -12.52 7.49 14.95
H182 PE6 D . -10.92 7.50 14.14
H161 PE6 D . -13.30 6.15 11.70
H162 PE6 D . -13.66 7.47 12.81
H151 PE6 D . -11.57 8.58 12.25
H152 PE6 D . -10.93 7.10 11.49
H131 PE6 D . -11.14 9.73 10.15
H132 PE6 D . -10.57 8.21 9.42
H121 PE6 D . -11.38 9.72 7.67
H122 PE6 D . -12.95 9.85 8.51
C3 PE6 E . 13.36 -15.13 -3.76
O2 PE6 E . 12.67 -14.38 -2.78
P1 PE6 E . 12.63 -14.81 -1.23
OP1 PE6 E . 11.69 -15.96 -1.10
OP2 PE6 E . 14.02 -14.95 -0.74
C4 PE6 E . 13.33 -14.30 -5.05
O5 PE6 E . 13.92 -13.03 -4.78
C6 PE6 E . 13.82 -12.15 -5.91
C7 PE6 E . 14.45 -10.82 -5.53
O8 PE6 E . 14.20 -9.86 -6.57
C9 PE6 E . 14.77 -8.59 -6.22
C10 PE6 E . 14.42 -7.57 -7.31
O11 PE6 E . 14.89 -6.29 -6.89
O20 PE6 E . 11.57 0.63 -11.75
C19 PE6 E . 12.25 0.03 -10.66
C18 PE6 E . 13.77 0.09 -10.88
O17 PE6 E . 14.44 -0.85 -10.03
C16 PE6 E . 14.29 -0.54 -8.63
C15 PE6 E . 14.99 -1.61 -7.79
O14 PE6 E . 14.48 -2.89 -8.17
C13 PE6 E . 15.04 -3.93 -7.36
C12 PE6 E . 14.52 -5.28 -7.83
H31 PE6 E . 14.39 -15.27 -3.45
H32 PE6 E . 12.89 -16.09 -3.91
H41 PE6 E . 13.89 -14.82 -5.83
H42 PE6 E . 12.30 -14.18 -5.36
H61 PE6 E . 14.35 -12.58 -6.76
H62 PE6 E . 12.77 -12.00 -6.17
H71 PE6 E . 13.99 -10.46 -4.60
H72 PE6 E . 15.52 -10.94 -5.39
H91 PE6 E . 14.37 -8.24 -5.28
H92 PE6 E . 15.86 -8.68 -6.16
H101 PE6 E . 14.89 -7.85 -8.25
H102 PE6 E . 13.34 -7.55 -7.43
H191 PE6 E . 11.94 -1.01 -10.58
H192 PE6 E . 11.98 0.58 -9.75
H181 PE6 E . 13.97 -0.19 -11.91
H182 PE6 E . 14.14 1.09 -10.70
H161 PE6 E . 14.71 0.44 -8.41
H162 PE6 E . 13.24 -0.56 -8.35
H151 PE6 E . 16.06 -1.57 -7.98
H152 PE6 E . 14.79 -1.42 -6.75
H131 PE6 E . 16.14 -3.92 -7.45
H132 PE6 E . 14.76 -3.77 -6.32
H121 PE6 E . 14.94 -5.50 -8.82
H122 PE6 E . 13.43 -5.23 -7.92
C3 PE6 D . -14.12 7.87 -1.01
O2 PE6 D . -13.84 9.09 -0.36
P1 PE6 D . -12.83 10.16 -1.02
OP1 PE6 D . -13.16 10.30 -2.46
OP2 PE6 D . -12.83 11.37 -0.15
C4 PE6 D . -15.03 7.03 -0.12
O5 PE6 D . -14.36 6.75 1.11
C6 PE6 D . -15.19 5.99 1.98
C7 PE6 D . -14.43 5.71 3.28
O8 PE6 D . -14.07 6.96 3.89
C9 PE6 D . -13.39 6.74 5.13
C10 PE6 D . -12.99 8.07 5.76
O11 PE6 D . -12.38 7.82 7.02
O20 PE6 D . -12.53 5.01 15.53
C19 PE6 D . -11.49 5.84 15.04
C18 PE6 D . -12.03 6.74 13.92
O17 PE6 D . -12.46 5.91 12.84
C16 PE6 D . -13.01 6.67 11.75
C15 PE6 D . -11.96 7.56 11.07
O14 PE6 D . -12.44 7.93 9.78
C13 PE6 D . -11.47 8.70 9.06
C12 PE6 D . -12.04 9.04 7.69
H31 PE6 D . -14.62 8.06 -1.96
H32 PE6 D . -13.20 7.31 -1.20
H41 PE6 D . -15.95 7.59 0.08
H42 PE6 D . -15.27 6.10 -0.63
H61 PE6 D . -16.10 6.54 2.21
H62 PE6 D . -15.45 5.04 1.52
H71 PE6 D . -15.08 5.14 3.96
H72 PE6 D . -13.53 5.14 3.06
H91 PE6 D . -14.03 6.20 5.82
H92 PE6 D . -12.49 6.15 4.95
H101 PE6 D . -12.31 8.60 5.10
H102 PE6 D . -13.89 8.67 5.90
H191 PE6 D . -10.67 5.25 14.62
H192 PE6 D . -11.11 6.45 15.86
H181 PE6 D . -12.88 7.33 14.31
H182 PE6 D . -11.23 7.41 13.60
H161 PE6 D . -13.36 5.95 11.00
H162 PE6 D . -13.86 7.26 12.09
H151 PE6 D . -11.79 8.46 11.67
H152 PE6 D . -11.03 7.01 10.98
H131 PE6 D . -11.27 9.63 9.60
H132 PE6 D . -10.55 8.13 8.95
H121 PE6 D . -11.31 9.60 7.10
H122 PE6 D . -12.93 9.65 7.82
C3 PE6 E . 12.98 -14.68 -4.49
O2 PE6 E . 12.38 -14.04 -3.38
P1 PE6 E . 12.59 -14.56 -1.86
OP1 PE6 E . 11.74 -15.76 -1.68
OP2 PE6 E . 14.05 -14.64 -1.59
C4 PE6 E . 12.73 -13.80 -5.71
O5 PE6 E . 13.29 -12.51 -5.44
C6 PE6 E . 13.02 -11.59 -6.50
C7 PE6 E . 13.62 -10.24 -6.13
O8 PE6 E . 13.26 -9.26 -7.11
C9 PE6 E . 13.81 -7.98 -6.78
C10 PE6 E . 13.34 -6.95 -7.79
O11 PE6 E . 13.78 -5.65 -7.35
O20 PE6 E . 9.62 1.26 -11.43
C19 PE6 E . 10.46 0.67 -10.45
C18 PE6 E . 11.93 0.84 -10.83
O17 PE6 E . 12.76 -0.09 -10.11
C16 PE6 E . 12.75 0.13 -8.70
C15 PE6 E . 13.59 -0.94 -8.01
O14 PE6 E . 13.12 -2.23 -8.40
C13 PE6 E . 13.81 -3.27 -7.72
C12 PE6 E . 13.31 -4.62 -8.22
H31 PE6 E . 14.05 -14.79 -4.33
H32 PE6 E . 12.53 -15.66 -4.63
H41 PE6 E . 13.21 -14.24 -6.59
H42 PE6 E . 11.66 -13.72 -5.88
H61 PE6 E . 13.46 -11.95 -7.44
H62 PE6 E . 11.95 -11.47 -6.63
H71 PE6 E . 13.25 -9.94 -5.16
H72 PE6 E . 14.71 -10.33 -6.09
H91 PE6 E . 13.46 -7.69 -5.79
H92 PE6 E . 14.89 -8.04 -6.78
H101 PE6 E . 13.74 -7.17 -8.77
H102 PE6 E . 12.25 -6.96 -7.84
H191 PE6 E . 10.24 -0.39 -10.38
H192 PE6 E . 10.27 1.15 -9.48
H181 PE6 E . 12.03 0.63 -11.89
H182 PE6 E . 12.26 1.86 -10.64
H161 PE6 E . 13.15 1.12 -8.47
H162 PE6 E . 11.74 0.04 -8.30
H151 PE6 E . 14.64 -0.83 -8.30
H152 PE6 E . 13.51 -0.82 -6.93
H131 PE6 E . 14.89 -3.21 -7.92
H132 PE6 E . 13.64 -3.19 -6.65
H121 PE6 E . 13.65 -4.79 -9.24
H122 PE6 E . 12.21 -4.62 -8.22
C3 PE6 D . -14.12 7.88 -1.02
O2 PE6 D . -13.84 9.10 -0.37
P1 PE6 D . -12.83 10.18 -1.02
OP1 PE6 D . -13.16 10.30 -2.46
OP2 PE6 D . -12.82 11.38 -0.15
C4 PE6 D . -15.03 7.04 -0.12
O5 PE6 D . -14.36 6.75 1.11
C6 PE6 D . -15.19 5.99 1.98
C7 PE6 D . -14.43 5.72 3.28
O8 PE6 D . -14.07 6.96 3.89
C9 PE6 D . -13.39 6.74 5.13
C10 PE6 D . -12.99 8.07 5.76
O11 PE6 D . -12.38 7.82 7.02
O20 PE6 D . -12.54 5.01 15.53
C19 PE6 D . -11.50 5.84 15.03
C18 PE6 D . -12.03 6.74 13.92
O17 PE6 D . -12.46 5.91 12.84
C16 PE6 D . -13.01 6.66 11.75
C15 PE6 D . -11.96 7.56 11.07
O14 PE6 D . -12.44 7.93 9.78
C13 PE6 D . -11.47 8.70 9.06
C12 PE6 D . -12.04 9.04 7.69
H31 PE6 D . -14.62 8.06 -1.97
H32 PE6 D . -13.19 7.33 -1.19
H41 PE6 D . -15.95 7.59 0.08
H42 PE6 D . -15.27 6.10 -0.63
H61 PE6 D . -16.10 6.54 2.21
H62 PE6 D . -15.45 5.04 1.52
H71 PE6 D . -15.08 5.15 3.95
H72 PE6 D . -13.53 5.14 3.06
H91 PE6 D . -14.03 6.20 5.82
H92 PE6 D . -12.49 6.15 4.95
H101 PE6 D . -12.30 8.60 5.09
H102 PE6 D . -13.89 8.67 5.90
H191 PE6 D . -10.68 5.25 14.63
H192 PE6 D . -11.12 6.45 15.85
H181 PE6 D . -12.88 7.33 14.30
H182 PE6 D . -11.23 7.40 13.60
H161 PE6 D . -13.37 5.95 10.99
H162 PE6 D . -13.86 7.26 12.09
H151 PE6 D . -11.79 8.46 11.67
H152 PE6 D . -11.03 7.01 10.98
H131 PE6 D . -11.26 9.63 9.60
H132 PE6 D . -10.56 8.13 8.94
H121 PE6 D . -11.31 9.60 7.10
H122 PE6 D . -12.93 9.65 7.82
C3 PE6 E . 12.98 -14.68 -4.49
O2 PE6 E . 12.38 -14.04 -3.38
P1 PE6 E . 12.59 -14.56 -1.86
OP1 PE6 E . 11.74 -15.76 -1.68
OP2 PE6 E . 14.04 -14.64 -1.60
C4 PE6 E . 12.73 -13.81 -5.71
O5 PE6 E . 13.29 -12.51 -5.44
C6 PE6 E . 13.01 -11.60 -6.51
C7 PE6 E . 13.62 -10.24 -6.14
O8 PE6 E . 13.26 -9.26 -7.11
C9 PE6 E . 13.80 -7.98 -6.78
C10 PE6 E . 13.34 -6.95 -7.79
O11 PE6 E . 13.78 -5.65 -7.35
O20 PE6 E . 9.62 1.25 -11.42
C19 PE6 E . 10.46 0.67 -10.45
C18 PE6 E . 11.93 0.84 -10.83
O17 PE6 E . 12.76 -0.09 -10.11
C16 PE6 E . 12.74 0.13 -8.69
C15 PE6 E . 13.59 -0.94 -8.01
O14 PE6 E . 13.11 -2.23 -8.40
C13 PE6 E . 13.81 -3.27 -7.72
C12 PE6 E . 13.30 -4.63 -8.21
H31 PE6 E . 14.05 -14.79 -4.33
H32 PE6 E . 12.54 -15.67 -4.64
H41 PE6 E . 13.21 -14.24 -6.59
H42 PE6 E . 11.66 -13.72 -5.88
H61 PE6 E . 13.46 -11.95 -7.44
H62 PE6 E . 11.94 -11.49 -6.64
H71 PE6 E . 13.25 -9.94 -5.16
H72 PE6 E . 14.71 -10.34 -6.09
H91 PE6 E . 13.46 -7.69 -5.79
H92 PE6 E . 14.89 -8.04 -6.78
H101 PE6 E . 13.74 -7.17 -8.77
H102 PE6 E . 12.25 -6.96 -7.84
H191 PE6 E . 10.23 -0.40 -10.38
H192 PE6 E . 10.27 1.15 -9.48
H181 PE6 E . 12.03 0.63 -11.89
H182 PE6 E . 12.26 1.86 -10.64
H161 PE6 E . 13.15 1.12 -8.47
H162 PE6 E . 11.74 0.03 -8.30
H151 PE6 E . 14.63 -0.83 -8.31
H152 PE6 E . 13.51 -0.82 -6.93
H131 PE6 E . 14.89 -3.21 -7.92
H132 PE6 E . 13.64 -3.19 -6.65
H121 PE6 E . 13.65 -4.79 -9.24
H122 PE6 E . 12.21 -4.62 -8.22
C3 PE6 D . -14.82 8.24 -0.19
O2 PE6 D . -14.41 9.45 0.43
P1 PE6 D . -13.40 10.48 -0.30
OP1 PE6 D . -13.83 10.61 -1.71
OP2 PE6 D . -13.27 11.68 0.55
C4 PE6 D . -15.72 7.47 0.76
O5 PE6 D . -14.98 7.13 1.94
C6 PE6 D . -15.80 6.42 2.87
C7 PE6 D . -14.98 6.08 4.12
O8 PE6 D . -14.50 7.29 4.71
C9 PE6 D . -13.75 7.02 5.89
C10 PE6 D . -13.24 8.31 6.50
O11 PE6 D . -12.54 8.01 7.71
O20 PE6 D . -12.18 5.11 16.19
C19 PE6 D . -11.14 5.89 15.63
C18 PE6 D . -11.71 6.83 14.56
O17 PE6 D . -12.25 6.03 13.51
C16 PE6 D . -12.84 6.81 12.46
C15 PE6 D . -11.82 7.67 11.72
O14 PE6 D . -12.37 8.07 10.47
C13 PE6 D . -11.43 8.81 9.69
C12 PE6 D . -12.09 9.20 8.37
H31 PE6 D . -15.36 8.46 -1.11
H32 PE6 D . -13.93 7.64 -0.43
H41 PE6 D . -16.58 8.06 1.01
H42 PE6 D . -16.05 6.55 0.27
H61 PE6 D . -16.66 7.04 3.16
H62 PE6 D . -16.16 5.49 2.42
H71 PE6 D . -15.61 5.54 4.82
H72 PE6 D . -14.13 5.45 3.83
H91 PE6 D . -14.38 6.50 6.63
H92 PE6 D . -12.91 6.38 5.65
H101 PE6 D . -12.57 8.81 5.80
H102 PE6 D . -14.09 8.96 6.71
H191 PE6 D . -10.37 5.28 15.16
H192 PE6 D . -10.67 6.48 16.42
H181 PE6 D . -12.49 7.45 15.00
H182 PE6 D . -10.90 7.46 14.19
H161 PE6 D . -13.29 6.13 11.74
H162 PE6 D . -13.64 7.44 12.87
H151 PE6 D . -11.55 8.54 12.31
H152 PE6 D . -10.92 7.07 11.54
H131 PE6 D . -11.12 9.72 10.22
H132 PE6 D . -10.55 8.20 9.48
H121 PE6 D . -11.38 9.72 7.74
H122 PE6 D . -12.93 9.86 8.58
C3 PE6 E . 13.34 -15.13 -3.73
O2 PE6 E . 12.65 -14.38 -2.75
P1 PE6 E . 12.61 -14.82 -1.20
OP1 PE6 E . 11.66 -15.95 -1.07
OP2 PE6 E . 13.99 -14.96 -0.72
C4 PE6 E . 13.32 -14.32 -5.02
O5 PE6 E . 13.92 -13.04 -4.75
C6 PE6 E . 13.82 -12.17 -5.88
C7 PE6 E . 14.45 -10.83 -5.51
O8 PE6 E . 14.21 -9.88 -6.54
C9 PE6 E . 14.79 -8.61 -6.21
C10 PE6 E . 14.42 -7.59 -7.29
O11 PE6 E . 14.90 -6.30 -6.88
O20 PE6 E . 11.58 0.61 -11.75
C19 PE6 E . 12.26 0.01 -10.65
C18 PE6 E . 13.78 0.06 -10.87
O17 PE6 E . 14.45 -0.87 -10.01
C16 PE6 E . 14.30 -0.56 -8.62
C15 PE6 E . 15.00 -1.63 -7.78
O14 PE6 E . 14.49 -2.92 -8.15
C13 PE6 E . 15.06 -3.94 -7.35
C12 PE6 E . 14.53 -5.30 -7.82
H31 PE6 E . 14.38 -15.29 -3.42
H32 PE6 E . 12.86 -16.09 -3.88
H41 PE6 E . 13.88 -14.84 -5.80
H42 PE6 E . 12.29 -14.19 -5.33
H61 PE6 E . 14.35 -12.60 -6.74
H62 PE6 E . 12.78 -12.01 -6.14
H71 PE6 E . 14.00 -10.48 -4.57
H72 PE6 E . 15.53 -10.96 -5.37
H91 PE6 E . 14.38 -8.26 -5.26
H92 PE6 E . 15.86 -8.70 -6.14
H101 PE6 E . 14.89 -7.88 -8.23
H102 PE6 E . 13.34 -7.57 -7.41
H191 PE6 E . 11.95 -1.03 -10.56
H192 PE6 E . 12.00 0.55 -9.75
H181 PE6 E . 13.99 -0.21 -11.90
H182 PE6 E . 14.15 1.08 -10.69
H161 PE6 E . 14.73 0.42 -8.40
H162 PE6 E . 13.24 -0.58 -8.34
H151 PE6 E . 16.07 -1.59 -7.97
H152 PE6 E . 14.80 -1.44 -6.73
H131 PE6 E . 16.14 -3.94 -7.44
H132 PE6 E . 14.78 -3.80 -6.30
H121 PE6 E . 14.95 -5.52 -8.80
H122 PE6 E . 13.44 -5.25 -7.90
C3 PE6 D . -13.43 7.65 -1.64
O2 PE6 D . -13.22 8.88 -1.00
P1 PE6 D . -12.22 9.99 -1.59
OP1 PE6 D . -12.47 10.10 -3.05
OP2 PE6 D . -12.31 11.20 -0.75
C4 PE6 D . -14.34 6.77 -0.79
O5 PE6 D . -13.70 6.54 0.48
C6 PE6 D . -14.53 5.74 1.32
C7 PE6 D . -13.81 5.51 2.66
O8 PE6 D . -13.57 6.77 3.29
C9 PE6 D . -12.92 6.58 4.55
C10 PE6 D . -12.65 7.92 5.22
O11 PE6 D . -12.14 7.67 6.53
O20 PE6 D . -13.13 4.50 14.81
C19 PE6 D . -12.07 5.37 14.46
C18 PE6 D . -12.51 6.32 13.36
O17 PE6 D . -12.82 5.55 12.20
C16 PE6 D . -13.26 6.35 11.10
C15 PE6 D . -12.18 7.29 10.58
O14 PE6 D . -12.52 7.71 9.26
C13 PE6 D . -11.50 8.53 8.68
C12 PE6 D . -11.93 8.89 7.25
H31 PE6 D . -13.89 7.81 -2.62
H32 PE6 D . -12.48 7.14 -1.79
H41 PE6 D . -15.28 7.29 -0.64
H42 PE6 D . -14.51 5.83 -1.30
H61 PE6 D . -15.48 6.25 1.51
H62 PE6 D . -14.73 4.77 0.85
H71 PE6 D . -14.45 4.89 3.30
H72 PE6 D . -12.87 4.99 2.47
H91 PE6 D . -13.57 5.98 5.21
H92 PE6 D . -11.98 6.06 4.41
H101 PE6 D . -11.94 8.49 4.64
H102 PE6 D . -13.60 8.47 5.29
H191 PE6 D . -11.20 4.81 14.11
H192 PE6 D . -11.78 5.93 15.35
H181 PE6 D . -13.39 6.88 13.69
H182 PE6 D . -11.70 7.01 13.15
H161 PE6 D . -13.53 5.67 10.28
H162 PE6 D . -14.16 6.91 11.38
H151 PE6 D . -12.10 8.17 11.22
H152 PE6 D . -11.23 6.77 10.57
H131 PE6 D . -11.38 9.45 9.27
H132 PE6 D . -10.56 7.99 8.64
H121 PE6 D . -11.16 9.48 6.76
H122 PE6 D . -12.86 9.46 7.30
C3 PE6 E . 10.62 -13.82 -4.34
O2 PE6 E . 11.94 -13.82 -3.82
P1 PE6 E . 12.25 -14.29 -2.30
OP1 PE6 E . 11.44 -15.49 -2.03
OP2 PE6 E . 13.71 -14.33 -2.12
C4 PE6 E . 10.62 -13.16 -5.72
O5 PE6 E . 11.25 -11.88 -5.62
C6 PE6 E . 11.20 -11.14 -6.84
C7 PE6 E . 11.93 -9.83 -6.61
O8 PE6 E . 11.62 -8.88 -7.64
C9 PE6 E . 12.26 -7.63 -7.37
C10 PE6 E . 11.85 -6.59 -8.40
O11 PE6 E . 12.37 -5.33 -8.00
O20 PE6 E . 7.90 1.64 -11.27
C19 PE6 E . 8.89 1.07 -10.44
C18 PE6 E . 10.30 1.27 -11.03
O17 PE6 E . 11.22 0.32 -10.49
C16 PE6 E . 11.43 0.50 -9.09
C15 PE6 E . 12.34 -0.61 -8.56
O14 PE6 E . 11.78 -1.87 -8.93
C13 PE6 E . 12.52 -2.95 -8.38
C12 PE6 E . 11.90 -4.27 -8.84
H31 PE6 E . 10.25 -14.84 -4.42
H32 PE6 E . 9.96 -13.24 -3.69
H41 PE6 E . 11.17 -13.78 -6.44
H42 PE6 E . 9.59 -13.04 -6.06
H61 PE6 E . 11.67 -11.70 -7.65
H62 PE6 E . 10.15 -10.94 -7.10
H71 PE6 E . 11.62 -9.43 -5.65
H72 PE6 E . 13.01 -10.01 -6.59
H91 PE6 E . 11.97 -7.27 -6.39
H92 PE6 E . 13.35 -7.76 -7.40
H101 PE6 E . 12.22 -6.86 -9.39
H102 PE6 E . 10.76 -6.55 -8.43
H191 PE6 E . 8.70 0.01 -10.35
H192 PE6 E . 8.85 1.53 -9.45
H181 PE6 E . 10.22 1.10 -12.11
H182 PE6 E . 10.64 2.29 -10.87
H161 PE6 E . 11.88 1.47 -8.89
H162 PE6 E . 10.49 0.42 -8.54
H151 PE6 E . 13.34 -0.50 -9.00
H152 PE6 E . 12.41 -0.53 -7.48
H131 PE6 E . 13.55 -2.91 -8.69
H132 PE6 E . 12.47 -2.90 -7.28
H121 PE6 E . 12.20 -4.46 -9.87
H122 PE6 E . 10.82 -4.21 -8.77
C3 PE6 D . -12.66 7.75 -2.35
O2 PE6 D . -12.58 8.96 -1.62
P1 PE6 D . -11.60 10.14 -2.07
OP1 PE6 D . -11.75 10.33 -3.54
OP2 PE6 D . -11.82 11.30 -1.16
C4 PE6 D . -13.56 6.77 -1.60
O5 PE6 D . -12.99 6.50 -0.32
C6 PE6 D . -13.81 5.60 0.43
C7 PE6 D . -13.17 5.36 1.79
O8 PE6 D . -13.06 6.60 2.51
C9 PE6 D . -12.50 6.39 3.81
C10 PE6 D . -12.39 7.70 4.56
O11 PE6 D . -12.01 7.40 5.91
O20 PE6 D . -13.85 3.61 13.75
C19 PE6 D . -12.76 4.52 13.60
C18 PE6 D . -13.12 5.55 12.52
O17 PE6 D . -13.27 4.87 11.27
C16 PE6 D . -13.61 5.75 10.19
C15 PE6 D . -12.51 6.76 9.88
O14 PE6 D . -12.71 7.25 8.55
C13 PE6 D . -11.67 8.15 8.16
C12 PE6 D . -11.94 8.58 6.72
H31 PE6 D . -13.08 7.94 -3.34
H32 PE6 D . -11.67 7.30 -2.46
H41 PE6 D . -14.56 7.21 -1.50
H42 PE6 D . -13.64 5.84 -2.18
H61 PE6 D . -14.80 6.04 0.58
H62 PE6 D . -13.91 4.66 -0.09
H71 PE6 D . -13.80 4.66 2.36
H72 PE6 D . -12.19 4.93 1.65
H91 PE6 D . -13.15 5.71 4.37
H92 PE6 D . -11.51 5.94 3.70
H101 PE6 D . -11.65 8.34 4.09
H102 PE6 D . -13.37 8.19 4.57
H191 PE6 D . -11.85 4.01 13.29
H192 PE6 D . -12.59 5.02 14.55
H181 PE6 D . -14.05 6.06 12.79
H182 PE6 D . -12.31 6.27 12.46
H161 PE6 D . -13.78 5.15 9.31
H162 PE6 D . -14.55 6.27 10.42
H151 PE6 D . -12.54 7.60 10.59
H152 PE6 D . -11.54 6.27 9.95
H131 PE6 D . -11.66 9.03 8.81
H132 PE6 D . -10.70 7.64 8.21
H121 PE6 D . -11.15 9.23 6.36
H122 PE6 D . -12.89 9.10 6.68
C3 PE6 E . 11.10 -13.72 -5.18
O2 PE6 E . 12.02 -13.74 -4.12
P1 PE6 E . 11.58 -14.15 -2.62
OP1 PE6 E . 10.52 -15.19 -2.72
OP2 PE6 E . 12.81 -14.45 -1.85
C4 PE6 E . 11.81 -13.19 -6.43
O5 PE6 E . 12.19 -11.83 -6.21
C6 PE6 E . 12.99 -11.34 -7.29
C7 PE6 E . 13.35 -9.88 -7.06
O8 PE6 E . 12.23 -9.04 -7.35
C9 PE6 E . 12.56 -7.65 -7.18
C10 PE6 E . 11.39 -6.78 -7.65
O11 PE6 E . 11.78 -5.41 -7.55
O20 PE6 E . 5.87 1.52 -10.38
C19 PE6 E . 6.86 0.77 -9.70
C18 PE6 E . 8.15 0.73 -10.53
O17 PE6 E . 9.10 -0.22 -10.02
C16 PE6 E . 9.54 0.12 -8.69
C15 PE6 E . 10.65 -0.84 -8.26
O14 PE6 E . 10.20 -2.20 -8.34
C13 PE6 E . 11.23 -3.10 -7.91
C12 PE6 E . 10.77 -4.54 -8.06
H31 PE6 E . 10.76 -14.75 -5.39
H32 PE6 E . 10.24 -13.11 -4.96
H41 PE6 E . 12.70 -13.80 -6.61
H42 PE6 E . 11.15 -13.25 -7.29
H61 PE6 E . 13.90 -11.92 -7.35
H62 PE6 E . 12.44 -11.43 -8.23
H71 PE6 E . 13.66 -9.73 -6.02
H72 PE6 E . 14.18 -9.62 -7.72
H91 PE6 E . 12.77 -7.45 -6.14
H92 PE6 E . 13.43 -7.41 -7.79
H101 PE6 E . 11.18 -7.03 -8.70
H102 PE6 E . 10.51 -6.98 -7.04
H191 PE6 E . 6.51 -0.25 -9.54
H192 PE6 E . 7.06 1.25 -8.74
H181 PE6 E . 7.88 0.43 -11.55
H182 PE6 E . 8.59 1.72 -10.58
H161 PE6 E . 9.93 1.14 -8.67
H162 PE6 E . 8.72 0.02 -7.98
H151 PE6 E . 11.51 -0.70 -8.91
H152 PE6 E . 10.93 -0.61 -7.23
H131 PE6 E . 12.13 -2.95 -8.51
H132 PE6 E . 11.47 -2.91 -6.86
H121 PE6 E . 10.60 -4.75 -9.13
H122 PE6 E . 9.85 -4.69 -7.52
C3 PE6 D . -12.67 7.75 -2.34
O2 PE6 D . -12.59 8.96 -1.61
P1 PE6 D . -11.61 10.16 -2.07
OP1 PE6 D . -11.76 10.34 -3.54
OP2 PE6 D . -11.82 11.30 -1.16
C4 PE6 D . -13.57 6.78 -1.60
O5 PE6 D . -13.00 6.51 -0.32
C6 PE6 D . -13.82 5.62 0.43
C7 PE6 D . -13.18 5.37 1.80
O8 PE6 D . -13.07 6.60 2.51
C9 PE6 D . -12.51 6.39 3.81
C10 PE6 D . -12.39 7.70 4.57
O11 PE6 D . -12.00 7.41 5.91
O20 PE6 D . -13.84 3.62 13.75
C19 PE6 D . -12.76 4.53 13.59
C18 PE6 D . -13.11 5.56 12.52
O17 PE6 D . -13.27 4.88 11.28
C16 PE6 D . -13.62 5.76 10.21
C15 PE6 D . -12.51 6.77 9.89
O14 PE6 D . -12.71 7.26 8.56
C13 PE6 D . -11.67 8.15 8.16
C12 PE6 D . -11.94 8.58 6.72
H31 PE6 D . -13.08 7.95 -3.34
H32 PE6 D . -11.68 7.32 -2.45
H41 PE6 D . -14.56 7.22 -1.48
H42 PE6 D . -13.65 5.85 -2.17
H61 PE6 D . -14.81 6.05 0.58
H62 PE6 D . -13.92 4.67 -0.09
H71 PE6 D . -13.81 4.67 2.36
H72 PE6 D . -12.20 4.93 1.66
H91 PE6 D . -13.16 5.71 4.38
H92 PE6 D . -11.52 5.95 3.72
H101 PE6 D . -11.66 8.35 4.10
H102 PE6 D . -13.36 8.20 4.57
H191 PE6 D . -11.85 4.02 13.29
H192 PE6 D . -12.58 5.02 14.55
H181 PE6 D . -14.05 6.07 12.79
H182 PE6 D . -12.30 6.29 12.47
H161 PE6 D . -13.78 5.15 9.31
H162 PE6 D . -14.55 6.28 10.43
H151 PE6 D . -12.53 7.60 10.60
H152 PE6 D . -11.54 6.27 9.95
H131 PE6 D . -11.65 9.03 8.81
H132 PE6 D . -10.70 7.64 8.21
H121 PE6 D . -11.15 9.24 6.36
H122 PE6 D . -12.90 9.11 6.69
C3 PE6 E . 11.10 -13.72 -5.18
O2 PE6 E . 12.02 -13.73 -4.11
P1 PE6 E . 11.58 -14.15 -2.62
OP1 PE6 E . 10.51 -15.17 -2.72
OP2 PE6 E . 12.81 -14.45 -1.85
C4 PE6 E . 11.81 -13.19 -6.43
O5 PE6 E . 12.19 -11.83 -6.20
C6 PE6 E . 12.98 -11.33 -7.29
C7 PE6 E . 13.35 -9.87 -7.05
O8 PE6 E . 12.23 -9.03 -7.36
C9 PE6 E . 12.56 -7.65 -7.18
C10 PE6 E . 11.39 -6.78 -7.65
O11 PE6 E . 11.78 -5.41 -7.55
O20 PE6 E . 5.88 1.52 -10.39
C19 PE6 E . 6.86 0.77 -9.70
C18 PE6 E . 8.15 0.74 -10.54
O17 PE6 E . 9.11 -0.21 -10.02
C16 PE6 E . 9.55 0.12 -8.70
C15 PE6 E . 10.66 -0.84 -8.26
O14 PE6 E . 10.21 -2.20 -8.34
C13 PE6 E . 11.23 -3.10 -7.91
C12 PE6 E . 10.78 -4.54 -8.07
H31 PE6 E . 10.75 -14.74 -5.39
H32 PE6 E . 10.23 -13.10 -4.96
H41 PE6 E . 12.69 -13.80 -6.60
H42 PE6 E . 11.15 -13.25 -7.29
H61 PE6 E . 13.90 -11.92 -7.35
H62 PE6 E . 12.44 -11.43 -8.23
H71 PE6 E . 13.66 -9.73 -6.02
H72 PE6 E . 14.18 -9.62 -7.72
H91 PE6 E . 12.78 -7.45 -6.13
H92 PE6 E . 13.43 -7.41 -7.79
H101 PE6 E . 11.18 -7.02 -8.69
H102 PE6 E . 10.51 -6.97 -7.05
H191 PE6 E . 6.52 -0.24 -9.55
H192 PE6 E . 7.06 1.25 -8.75
H181 PE6 E . 7.89 0.43 -11.55
H182 PE6 E . 8.61 1.73 -10.58
H161 PE6 E . 9.93 1.14 -8.67
H162 PE6 E . 8.72 0.02 -7.99
H151 PE6 E . 11.52 -0.70 -8.90
H152 PE6 E . 10.93 -0.61 -7.23
H131 PE6 E . 12.13 -2.94 -8.51
H132 PE6 E . 11.47 -2.90 -6.86
H121 PE6 E . 10.61 -4.75 -9.12
H122 PE6 E . 9.85 -4.69 -7.52
C3 PE6 D . -12.66 7.76 -2.35
O2 PE6 D . -12.58 8.96 -1.62
P1 PE6 D . -11.60 10.15 -2.08
OP1 PE6 D . -11.75 10.34 -3.54
OP2 PE6 D . -11.82 11.30 -1.16
C4 PE6 D . -13.57 6.78 -1.60
O5 PE6 D . -12.99 6.51 -0.32
C6 PE6 D . -13.81 5.61 0.43
C7 PE6 D . -13.18 5.37 1.80
O8 PE6 D . -13.07 6.60 2.51
C9 PE6 D . -12.50 6.39 3.81
C10 PE6 D . -12.39 7.70 4.56
O11 PE6 D . -12.00 7.40 5.90
O20 PE6 D . -13.84 3.62 13.75
C19 PE6 D . -12.76 4.53 13.59
C18 PE6 D . -13.11 5.56 12.52
O17 PE6 D . -13.27 4.87 11.27
C16 PE6 D . -13.61 5.75 10.19
C15 PE6 D . -12.50 6.76 9.88
O14 PE6 D . -12.71 7.25 8.55
C13 PE6 D . -11.67 8.15 8.16
C12 PE6 D . -11.94 8.58 6.72
H31 PE6 D . -13.08 7.95 -3.34
H32 PE6 D . -11.67 7.32 -2.46
H41 PE6 D . -14.55 7.22 -1.49
H42 PE6 D . -13.65 5.84 -2.17
H61 PE6 D . -14.80 6.04 0.58
H62 PE6 D . -13.91 4.67 -0.10
H71 PE6 D . -13.81 4.67 2.36
H72 PE6 D . -12.19 4.93 1.65
H91 PE6 D . -13.15 5.71 4.37
H92 PE6 D . -11.51 5.94 3.70
H101 PE6 D . -11.65 8.35 4.09
H102 PE6 D . -13.37 8.20 4.56
H191 PE6 D . -11.85 4.02 13.28
H192 PE6 D . -12.58 5.03 14.54
H181 PE6 D . -14.04 6.07 12.79
H182 PE6 D . -12.30 6.28 12.46
H161 PE6 D . -13.78 5.15 9.31
H162 PE6 D . -14.54 6.28 10.43
H151 PE6 D . -12.53 7.59 10.59
H152 PE6 D . -11.54 6.27 9.95
H131 PE6 D . -11.66 9.03 8.81
H132 PE6 D . -10.70 7.65 8.20
H121 PE6 D . -11.14 9.24 6.36
H122 PE6 D . -12.89 9.11 6.69
C3 PE6 E . 11.10 -13.72 -5.18
O2 PE6 E . 12.02 -13.73 -4.11
P1 PE6 E . 11.58 -14.15 -2.62
OP1 PE6 E . 10.51 -15.18 -2.71
OP2 PE6 E . 12.81 -14.45 -1.85
C4 PE6 E . 11.81 -13.19 -6.43
O5 PE6 E . 12.18 -11.83 -6.21
C6 PE6 E . 12.99 -11.34 -7.29
C7 PE6 E . 13.35 -9.88 -7.06
O8 PE6 E . 12.23 -9.04 -7.35
C9 PE6 E . 12.56 -7.65 -7.18
C10 PE6 E . 11.39 -6.78 -7.65
O11 PE6 E . 11.78 -5.41 -7.55
O20 PE6 E . 5.88 1.52 -10.39
C19 PE6 E . 6.86 0.77 -9.70
C18 PE6 E . 8.15 0.73 -10.53
O17 PE6 E . 9.10 -0.22 -10.02
C16 PE6 E . 9.54 0.12 -8.69
C15 PE6 E . 10.65 -0.84 -8.26
O14 PE6 E . 10.21 -2.20 -8.35
C13 PE6 E . 11.23 -3.10 -7.91
C12 PE6 E . 10.78 -4.55 -8.07
H31 PE6 E . 10.75 -14.74 -5.39
H32 PE6 E . 10.23 -13.10 -4.96
H41 PE6 E . 12.69 -13.80 -6.60
H42 PE6 E . 11.15 -13.25 -7.29
H61 PE6 E . 13.90 -11.92 -7.35
H62 PE6 E . 12.44 -11.43 -8.23
H71 PE6 E . 13.66 -9.73 -6.02
H72 PE6 E . 14.18 -9.62 -7.72
H91 PE6 E . 12.77 -7.45 -6.14
H92 PE6 E . 13.43 -7.41 -7.79
H101 PE6 E . 11.18 -7.03 -8.70
H102 PE6 E . 10.52 -6.97 -7.05
H191 PE6 E . 6.52 -0.25 -9.55
H192 PE6 E . 7.06 1.24 -8.74
H181 PE6 E . 7.89 0.43 -11.55
H182 PE6 E . 8.59 1.73 -10.58
H161 PE6 E . 9.93 1.14 -8.67
H162 PE6 E . 8.72 0.02 -7.99
H151 PE6 E . 11.52 -0.70 -8.90
H152 PE6 E . 10.94 -0.61 -7.23
H131 PE6 E . 12.13 -2.95 -8.51
H132 PE6 E . 11.47 -2.91 -6.86
H121 PE6 E . 10.60 -4.75 -9.13
H122 PE6 E . 9.84 -4.70 -7.53
C3 PE6 D . -12.63 7.83 -2.38
O2 PE6 D . -12.56 9.01 -1.62
P1 PE6 D . -11.58 10.23 -2.04
OP1 PE6 D . -11.72 10.44 -3.50
OP2 PE6 D . -11.81 11.35 -1.10
C4 PE6 D . -13.53 6.83 -1.66
O5 PE6 D . -12.97 6.55 -0.38
C6 PE6 D . -13.80 5.63 0.35
C7 PE6 D . -13.17 5.37 1.72
O8 PE6 D . -13.06 6.60 2.43
C9 PE6 D . -12.51 6.37 3.73
C10 PE6 D . -12.39 7.69 4.50
O11 PE6 D . -12.01 7.38 5.84
O20 PE6 D . -13.87 3.62 13.70
C19 PE6 D . -12.79 4.53 13.54
C18 PE6 D . -13.14 5.55 12.46
O17 PE6 D . -13.28 4.87 11.21
C16 PE6 D . -13.63 5.73 10.13
C15 PE6 D . -12.52 6.75 9.82
O14 PE6 D . -12.72 7.24 8.49
C13 PE6 D . -11.68 8.14 8.10
C12 PE6 D . -11.95 8.56 6.65
H31 PE6 D . -13.04 8.04 -3.37
H32 PE6 D . -11.64 7.40 -2.49
H41 PE6 D . -14.52 7.26 -1.55
H42 PE6 D . -13.59 5.91 -2.25
H61 PE6 D . -14.79 6.05 0.49
H62 PE6 D . -13.87 4.69 -0.19
H71 PE6 D . -13.80 4.67 2.27
H72 PE6 D . -12.17 4.93 1.58
H91 PE6 D . -13.15 5.70 4.29
H92 PE6 D . -11.52 5.93 3.64
H101 PE6 D . -11.65 8.34 4.03
H102 PE6 D . -13.37 8.18 4.50
H191 PE6 D . -11.88 4.02 13.24
H192 PE6 D . -12.62 5.04 14.49
H181 PE6 D . -14.07 6.06 12.72
H182 PE6 D . -12.33 6.28 12.41
H161 PE6 D . -13.77 5.13 9.25
H162 PE6 D . -14.56 6.26 10.35
H151 PE6 D . -12.55 7.58 10.52
H152 PE6 D . -11.55 6.26 9.89
H131 PE6 D . -11.67 9.01 8.74
H132 PE6 D . -10.71 7.63 8.14
H121 PE6 D . -11.16 9.22 6.30
H122 PE6 D . -12.90 9.09 6.62
C3 PE6 E . 11.50 -13.79 -5.13
O2 PE6 E . 12.27 -13.77 -3.95
P1 PE6 E . 11.64 -14.09 -2.50
OP1 PE6 E . 10.60 -15.13 -2.68
OP2 PE6 E . 12.74 -14.31 -1.54
C4 PE6 E . 12.35 -13.24 -6.28
O5 PE6 E . 12.63 -11.86 -6.04
C6 PE6 E . 13.52 -11.34 -7.03
C7 PE6 E . 13.75 -9.85 -6.78
O8 PE6 E . 12.58 -9.12 -7.17
C9 PE6 E . 12.77 -7.71 -6.99
C10 PE6 E . 11.57 -6.95 -7.54
O11 PE6 E . 11.81 -5.54 -7.42
O20 PE6 E . 6.29 0.93 -11.84
C19 PE6 E . 7.06 0.28 -10.83
C18 PE6 E . 8.52 0.22 -11.29
O17 PE6 E . 9.31 -0.66 -10.49
C16 PE6 E . 9.37 -0.25 -9.11
C15 PE6 E . 10.39 -1.11 -8.36
O14 PE6 E . 10.08 -2.50 -8.49
C13 PE6 E . 11.09 -3.30 -7.86
C12 PE6 E . 10.77 -4.78 -8.02
H31 PE6 E . 11.20 -14.81 -5.36
H32 PE6 E . 10.61 -13.17 -5.02
H41 PE6 E . 13.28 -13.81 -6.32
H42 PE6 E . 11.81 -13.36 -7.22
H61 PE6 E . 14.48 -11.86 -6.95
H62 PE6 E . 13.10 -11.48 -8.02
H71 PE6 E . 13.97 -9.68 -5.73
H72 PE6 E . 14.59 -9.52 -7.39
H91 PE6 E . 12.90 -7.49 -5.93
H92 PE6 E . 13.66 -7.39 -7.53
H101 PE6 E . 11.45 -7.22 -8.60
H102 PE6 E . 10.67 -7.22 -7.00
H191 PE6 E . 6.68 -0.72 -10.67
H192 PE6 E . 6.99 0.85 -9.90
H181 PE6 E . 8.54 -0.16 -12.32
H182 PE6 E . 8.95 1.21 -11.29
H161 PE6 E . 9.66 0.78 -9.03
H162 PE6 E . 8.39 -0.39 -8.64
H151 PE6 E . 11.37 -0.90 -8.79
H152 PE6 E . 10.39 -0.82 -7.30
H131 PE6 E . 12.06 -3.10 -8.33
H132 PE6 E . 11.14 -3.05 -6.80
H121 PE6 E . 10.70 -5.01 -9.08
H122 PE6 E . 9.82 -5.01 -7.54
C3 PE6 D . -12.64 7.62 -2.40
O2 PE6 D . -12.53 8.84 -1.70
P1 PE6 D . -11.53 10.00 -2.20
OP1 PE6 D . -11.68 10.15 -3.66
OP2 PE6 D . -11.72 11.19 -1.32
C4 PE6 D . -13.56 6.68 -1.61
O5 PE6 D . -12.99 6.45 -0.32
C6 PE6 D . -13.82 5.59 0.45
C7 PE6 D . -13.18 5.37 1.82
O8 PE6 D . -13.03 6.62 2.50
C9 PE6 D . -12.47 6.43 3.80
C10 PE6 D . -12.33 7.77 4.52
O11 PE6 D . -11.94 7.49 5.87
O20 PE6 D . -13.88 3.92 13.78
C19 PE6 D . -12.78 4.79 13.61
C18 PE6 D . -13.10 5.82 12.52
O17 PE6 D . -13.28 5.11 11.29
C16 PE6 D . -13.60 5.99 10.19
C15 PE6 D . -12.46 6.95 9.86
O14 PE6 D . -12.65 7.43 8.52
C13 PE6 D . -11.59 8.28 8.10
C12 PE6 D . -11.84 8.68 6.64
H31 PE6 D . -13.07 7.79 -3.39
H32 PE6 D . -11.67 7.16 -2.50
H41 PE6 D . -14.54 7.14 -1.51
H42 PE6 D . -13.66 5.74 -2.16
H61 PE6 D . -14.81 6.04 0.60
H62 PE6 D . -13.94 4.63 -0.05
H71 PE6 D . -13.82 4.70 2.40
H72 PE6 D . -12.20 4.91 1.69
H91 PE6 D . -13.13 5.78 4.38
H92 PE6 D . -11.49 5.97 3.70
H101 PE6 D . -11.58 8.38 4.03
H102 PE6 D . -13.29 8.28 4.51
H191 PE6 D . -11.88 4.25 13.31
H192 PE6 D . -12.58 5.31 14.55
H181 PE6 D . -14.01 6.36 12.78
H182 PE6 D . -12.26 6.51 12.44
H161 PE6 D . -13.78 5.37 9.31
H162 PE6 D . -14.52 6.54 10.41
H151 PE6 D . -12.46 7.80 10.55
H152 PE6 D . -11.52 6.44 9.92
H131 PE6 D . -11.55 9.17 8.73
H132 PE6 D . -10.64 7.75 8.16
H121 PE6 D . -11.04 9.32 6.28
H122 PE6 D . -12.78 9.24 6.60
C3 PE6 E . 9.86 -13.47 -4.60
O2 PE6 E . 11.22 -13.40 -4.23
P1 PE6 E . 11.71 -13.88 -2.76
OP1 PE6 E . 11.00 -15.14 -2.44
OP2 PE6 E . 13.19 -13.87 -2.75
C4 PE6 E . 9.66 -12.79 -5.95
O5 PE6 E . 10.18 -11.46 -5.88
C6 PE6 E . 9.95 -10.73 -7.08
C7 PE6 E . 10.54 -9.33 -6.91
O8 PE6 E . 10.05 -8.45 -7.92
C9 PE6 E . 10.56 -7.13 -7.74
C10 PE6 E . 9.94 -6.21 -8.78
O11 PE6 E . 10.36 -4.86 -8.53
O20 PE6 E . 6.88 1.62 -12.50
C19 PE6 E . 7.61 0.82 -13.40
C18 PE6 E . 9.11 1.03 -13.24
O17 PE6 E . 9.68 0.23 -12.19
C16 PE6 E . 9.22 0.58 -10.88
C15 PE6 E . 9.93 -0.29 -9.85
O14 PE6 E . 9.55 -1.66 -10.08
C13 PE6 E . 10.23 -2.54 -9.19
C12 PE6 E . 9.75 -3.96 -9.46
H31 PE6 E . 9.53 -14.51 -4.67
H32 PE6 E . 9.24 -12.96 -3.86
H41 PE6 E . 10.19 -13.35 -6.73
H42 PE6 E . 8.59 -12.77 -6.20
H61 PE6 E . 10.40 -11.22 -7.93
H62 PE6 E . 8.86 -10.63 -7.25
H71 PE6 E . 10.25 -8.96 -5.92
H72 PE6 E . 11.63 -9.40 -6.96
H91 PE6 E . 10.32 -6.76 -6.75
H92 PE6 E . 11.65 -7.14 -7.86
H101 PE6 E . 10.25 -6.52 -9.78
H102 PE6 E . 8.85 -6.27 -8.71
H191 PE6 E . 7.33 1.10 -14.42
H192 PE6 E . 7.37 -0.25 -13.24
H181 PE6 E . 9.59 0.74 -14.17
H182 PE6 E . 9.33 2.08 -13.06
H161 PE6 E . 9.44 1.63 -10.68
H162 PE6 E . 8.14 0.41 -10.79
H151 PE6 E . 11.00 -0.17 -9.97
H152 PE6 E . 9.64 0.01 -8.86
H131 PE6 E . 11.30 -2.48 -9.36
H132 PE6 E . 10.01 -2.27 -8.16
H121 PE6 E . 10.02 -4.24 -10.49
H122 PE6 E . 8.66 -3.99 -9.36
C3 PE6 D . -12.76 7.73 -2.25
O2 PE6 D . -12.64 8.95 -1.54
P1 PE6 D . -11.65 10.12 -2.04
OP1 PE6 D . -11.82 10.26 -3.50
OP2 PE6 D . -11.83 11.29 -1.16
C4 PE6 D . -13.66 6.78 -1.46
O5 PE6 D . -13.08 6.54 -0.17
C6 PE6 D . -13.91 5.68 0.61
C7 PE6 D . -13.25 5.46 1.97
O8 PE6 D . -13.11 6.71 2.65
C9 PE6 D . -12.53 6.51 3.94
C10 PE6 D . -12.37 7.85 4.67
O11 PE6 D . -11.98 7.57 6.02
O20 PE6 D . -13.82 3.98 13.94
C19 PE6 D . -12.72 4.86 13.76
C18 PE6 D . -13.05 5.88 12.68
O17 PE6 D . -13.25 5.19 11.44
C16 PE6 D . -13.58 6.06 10.36
C15 PE6 D . -12.45 7.03 10.01
O14 PE6 D . -12.66 7.50 8.67
C13 PE6 D . -11.59 8.35 8.24
C12 PE6 D . -11.87 8.76 6.79
H31 PE6 D . -13.18 7.90 -3.23
H32 PE6 D . -11.77 7.27 -2.35
H41 PE6 D . -14.65 7.24 -1.34
H42 PE6 D . -13.77 5.84 -2.00
H61 PE6 D . -14.89 6.14 0.76
H62 PE6 D . -14.02 4.72 0.11
H71 PE6 D . -13.88 4.79 2.56
H72 PE6 D . -12.27 4.99 1.83
H91 PE6 D . -13.17 5.86 4.54
H92 PE6 D . -11.55 6.06 3.84
H101 PE6 D . -11.63 8.46 4.17
H102 PE6 D . -13.34 8.36 4.67
H191 PE6 D . -11.83 4.31 13.44
H192 PE6 D . -12.51 5.36 14.70
H181 PE6 D . -13.95 6.43 12.95
H182 PE6 D . -12.21 6.57 12.59
H161 PE6 D . -13.78 5.44 9.48
H162 PE6 D . -14.50 6.62 10.59
H151 PE6 D . -12.43 7.87 10.69
H152 PE6 D . -11.50 6.50 10.06
H131 PE6 D . -11.54 9.24 8.88
H132 PE6 D . -10.64 7.83 8.29
H121 PE6 D . -11.07 9.40 6.41
H122 PE6 D . -12.81 9.31 6.77
C3 PE6 E . 11.78 -13.64 -5.11
O2 PE6 E . 12.49 -13.55 -3.89
P1 PE6 E . 11.86 -14.05 -2.48
OP1 PE6 E . 10.86 -15.11 -2.77
OP2 PE6 E . 12.98 -14.34 -1.57
C4 PE6 E . 12.70 -13.21 -6.25
O5 PE6 E . 13.06 -11.82 -6.19
C6 PE6 E . 12.00 -10.96 -6.61
C7 PE6 E . 12.48 -9.51 -6.59
O8 PE6 E . 11.51 -8.68 -7.22
C9 PE6 E . 11.92 -7.32 -7.26
C10 PE6 E . 10.88 -6.49 -8.01
O11 PE6 E . 11.24 -5.10 -7.97
O20 PE6 E . 7.30 1.23 -12.32
C19 PE6 E . 7.92 0.26 -13.15
C18 PE6 E . 9.44 0.33 -13.01
O17 PE6 E . 9.95 -0.43 -11.90
C16 PE6 E . 9.50 0.06 -10.63
C15 PE6 E . 10.26 -0.70 -9.53
O14 PE6 E . 9.93 -2.09 -9.61
C13 PE6 E . 10.74 -2.85 -8.69
C12 PE6 E . 10.35 -4.32 -8.78
H31 PE6 E . 11.50 -14.68 -5.29
H32 PE6 E . 10.87 -13.05 -5.08
H41 PE6 E . 13.62 -13.80 -6.16
H42 PE6 E . 12.25 -13.43 -7.22
H61 PE6 E . 11.73 -11.20 -7.64
H62 PE6 E . 11.13 -11.06 -5.97
H71 PE6 E . 12.63 -9.19 -5.56
H72 PE6 E . 13.42 -9.44 -7.13
H91 PE6 E . 12.04 -6.94 -6.25
H92 PE6 E . 12.88 -7.23 -7.78
H101 PE6 E . 10.85 -6.84 -9.04
H102 PE6 E . 9.91 -6.63 -7.55
H191 PE6 E . 7.66 0.48 -14.17
H192 PE6 E . 7.57 -0.74 -12.91
H181 PE6 E . 9.87 -0.08 -13.92
H182 PE6 E . 9.77 1.37 -12.93
H161 PE6 E . 9.72 1.12 -10.53
H162 PE6 E . 8.43 -0.12 -10.51
H151 PE6 E . 11.33 -0.55 -9.69
H152 PE6 E . 9.97 -0.30 -8.56
H131 PE6 E . 11.79 -2.74 -8.95
H132 PE6 E . 10.59 -2.49 -7.67
H121 PE6 E . 10.42 -4.64 -9.82
H122 PE6 E . 9.32 -4.45 -8.43
C3 PE6 D . -14.86 8.30 -0.11
O2 PE6 D . -14.44 9.50 0.51
P1 PE6 D . -13.42 10.51 -0.20
OP1 PE6 D . -13.84 10.66 -1.62
OP2 PE6 D . -13.28 11.72 0.65
C4 PE6 D . -15.78 7.52 0.83
O5 PE6 D . -15.05 7.18 2.01
C6 PE6 D . -15.88 6.47 2.93
C7 PE6 D . -15.06 6.11 4.18
O8 PE6 D . -14.56 7.32 4.78
C9 PE6 D . -13.81 7.03 5.96
C10 PE6 D . -13.28 8.32 6.57
O11 PE6 D . -12.59 8.01 7.78
O20 PE6 D . -12.19 5.14 16.28
C19 PE6 D . -11.14 5.91 15.71
C18 PE6 D . -11.73 6.84 14.64
O17 PE6 D . -12.28 6.04 13.58
C16 PE6 D . -12.87 6.81 12.54
C15 PE6 D . -11.84 7.67 11.79
O14 PE6 D . -12.40 8.07 10.54
C13 PE6 D . -11.46 8.81 9.76
C12 PE6 D . -12.13 9.19 8.43
H31 PE6 D . -15.41 8.53 -1.03
H32 PE6 D . -13.99 7.68 -0.35
H41 PE6 D . -16.63 8.15 1.09
H42 PE6 D . -16.12 6.61 0.33
H61 PE6 D . -16.72 7.09 3.22
H62 PE6 D . -16.23 5.55 2.48
H71 PE6 D . -15.70 5.58 4.89
H72 PE6 D . -14.22 5.48 3.89
H91 PE6 D . -14.45 6.52 6.69
H92 PE6 D . -12.98 6.38 5.71
H101 PE6 D . -12.62 8.82 5.86
H102 PE6 D . -14.14 8.97 6.79
H191 PE6 D . -10.39 5.29 15.23
H192 PE6 D . -10.68 6.51 16.49
H181 PE6 D . -12.51 7.47 15.07
H182 PE6 D . -10.92 7.46 14.26
H161 PE6 D . -13.31 6.12 11.82
H162 PE6 D . -13.66 7.44 12.94
H151 PE6 D . -11.58 8.54 12.37
H152 PE6 D . -10.95 7.07 11.60
H131 PE6 D . -11.15 9.71 10.28
H132 PE6 D . -10.58 8.19 9.54
H121 PE6 D . -11.42 9.72 7.79
H122 PE6 D . -12.97 9.85 8.65
C3 PE6 E . 14.39 -15.34 -2.64
O2 PE6 E . 14.33 -14.82 -1.33
P1 PE6 E . 12.93 -14.68 -0.54
OP1 PE6 E . 12.04 -15.80 -0.94
OP2 PE6 E . 13.21 -14.45 0.89
C4 PE6 E . 15.80 -15.15 -3.21
O5 PE6 E . 16.22 -13.78 -3.19
C6 PE6 E . 15.48 -12.96 -4.10
C7 PE6 E . 16.04 -11.54 -4.09
O8 PE6 E . 15.26 -10.73 -4.96
C9 PE6 E . 15.72 -9.36 -4.95
C10 PE6 E . 14.92 -8.55 -5.97
O11 PE6 E . 15.34 -7.19 -5.92
O20 PE6 E . 13.06 -0.69 -12.67
C19 PE6 E . 13.25 -1.32 -11.43
C18 PE6 E . 14.73 -1.64 -11.24
O17 PE6 E . 14.99 -2.50 -10.12
C16 PE6 E . 14.56 -1.94 -8.88
C15 PE6 E . 15.07 -2.79 -7.72
O14 PE6 E . 14.61 -4.15 -7.84
C13 PE6 E . 15.17 -4.95 -6.80
C12 PE6 E . 14.69 -6.40 -6.92
H31 PE6 E . 14.16 -16.41 -2.62
H32 PE6 E . 13.64 -14.86 -3.29
H41 PE6 E . 16.48 -15.73 -2.58
H42 PE6 E . 15.85 -15.55 -4.23
H61 PE6 E . 15.54 -13.36 -5.11
H62 PE6 E . 14.44 -12.92 -3.79
H71 PE6 E . 16.01 -11.14 -3.07
H72 PE6 E . 17.07 -11.57 -4.43
H91 PE6 E . 15.59 -8.94 -3.96
H92 PE6 E . 16.77 -9.33 -5.23
H101 PE6 E . 15.12 -8.96 -6.97
H102 PE6 E . 13.85 -8.63 -5.76
H191 PE6 E . 12.67 -2.25 -11.38
H192 PE6 E . 12.91 -0.65 -10.62
H181 PE6 E . 15.09 -2.14 -12.14
H182 PE6 E . 15.29 -0.70 -11.12
H161 PE6 E . 14.96 -0.94 -8.76
H162 PE6 E . 13.47 -1.90 -8.85
H151 PE6 E . 16.17 -2.78 -7.74
H152 PE6 E . 14.73 -2.36 -6.78
H131 PE6 E . 16.26 -4.94 -6.86
H132 PE6 E . 14.87 -4.56 -5.82
H121 PE6 E . 14.96 -6.77 -7.91
H122 PE6 E . 13.61 -6.45 -6.80
C3 PE6 D . -14.86 8.30 -0.11
O2 PE6 D . -14.45 9.51 0.52
P1 PE6 D . -13.42 10.52 -0.21
OP1 PE6 D . -13.84 10.66 -1.62
OP2 PE6 D . -13.28 11.72 0.65
C4 PE6 D . -15.78 7.52 0.83
O5 PE6 D . -15.04 7.18 2.01
C6 PE6 D . -15.87 6.47 2.94
C7 PE6 D . -15.06 6.12 4.18
O8 PE6 D . -14.57 7.33 4.79
C9 PE6 D . -13.81 7.03 5.96
C10 PE6 D . -13.28 8.32 6.57
O11 PE6 D . -12.59 8.01 7.78
O20 PE6 D . -12.19 5.14 16.28
C19 PE6 D . -11.14 5.91 15.71
C18 PE6 D . -11.73 6.84 14.64
O17 PE6 D . -12.28 6.04 13.58
C16 PE6 D . -12.87 6.81 12.54
C15 PE6 D . -11.84 7.67 11.79
O14 PE6 D . -12.40 8.07 10.54
C13 PE6 D . -11.46 8.81 9.76
C12 PE6 D . -12.13 9.19 8.43
H31 PE6 D . -15.41 8.53 -1.03
H32 PE6 D . -13.99 7.69 -0.35
H41 PE6 D . -16.63 8.15 1.09
H42 PE6 D . -16.12 6.61 0.33
H61 PE6 D . -16.73 7.09 3.23
H62 PE6 D . -16.23 5.55 2.48
H71 PE6 D . -15.70 5.58 4.89
H72 PE6 D . -14.22 5.48 3.89
H91 PE6 D . -14.45 6.52 6.69
H92 PE6 D . -12.98 6.38 5.71
H101 PE6 D . -12.62 8.82 5.86
H102 PE6 D . -14.13 8.97 6.80
H191 PE6 D . -10.39 5.29 15.24
H192 PE6 D . -10.68 6.51 16.49
H181 PE6 D . -12.51 7.47 15.07
H182 PE6 D . -10.92 7.46 14.26
H161 PE6 D . -13.31 6.12 11.82
H162 PE6 D . -13.66 7.44 12.94
H151 PE6 D . -11.58 8.54 12.37
H152 PE6 D . -10.95 7.07 11.60
H131 PE6 D . -11.15 9.71 10.28
H132 PE6 D . -10.59 8.20 9.55
H121 PE6 D . -11.42 9.72 7.79
H122 PE6 D . -12.98 9.85 8.65
C3 PE6 E . 14.39 -15.33 -2.64
O2 PE6 E . 14.33 -14.82 -1.33
P1 PE6 E . 12.93 -14.68 -0.54
OP1 PE6 E . 12.04 -15.80 -0.94
OP2 PE6 E . 13.21 -14.45 0.89
C4 PE6 E . 15.80 -15.15 -3.21
O5 PE6 E . 16.22 -13.78 -3.19
C6 PE6 E . 15.48 -12.96 -4.09
C7 PE6 E . 16.04 -11.53 -4.09
O8 PE6 E . 15.25 -10.72 -4.96
C9 PE6 E . 15.72 -9.36 -4.95
C10 PE6 E . 14.92 -8.55 -5.97
O11 PE6 E . 15.34 -7.19 -5.92
O20 PE6 E . 13.06 -0.68 -12.68
C19 PE6 E . 13.24 -1.32 -11.42
C18 PE6 E . 14.73 -1.63 -11.25
O17 PE6 E . 14.99 -2.50 -10.13
C16 PE6 E . 14.55 -1.94 -8.88
C15 PE6 E . 15.07 -2.79 -7.73
O14 PE6 E . 14.61 -4.14 -7.83
C13 PE6 E . 15.16 -4.95 -6.79
C12 PE6 E . 14.68 -6.40 -6.92
H31 PE6 E . 14.17 -16.41 -2.61
H32 PE6 E . 13.64 -14.86 -3.29
H41 PE6 E . 16.48 -15.73 -2.58
H42 PE6 E . 15.85 -15.54 -4.22
H61 PE6 E . 15.54 -13.36 -5.11
H62 PE6 E . 14.43 -12.91 -3.79
H71 PE6 E . 16.01 -11.14 -3.07
H72 PE6 E . 17.07 -11.56 -4.43
H91 PE6 E . 15.59 -8.93 -3.96
H92 PE6 E . 16.77 -9.32 -5.24
H101 PE6 E . 15.10 -8.96 -6.97
H102 PE6 E . 13.85 -8.62 -5.76
H191 PE6 E . 12.67 -2.25 -11.38
H192 PE6 E . 12.91 -0.65 -10.63
H181 PE6 E . 15.09 -2.13 -12.15
H182 PE6 E . 15.29 -0.71 -11.13
H161 PE6 E . 14.96 -0.93 -8.77
H162 PE6 E . 13.47 -1.90 -8.84
H151 PE6 E . 16.16 -2.77 -7.75
H152 PE6 E . 14.72 -2.37 -6.79
H131 PE6 E . 16.25 -4.94 -6.86
H132 PE6 E . 14.85 -4.55 -5.83
H121 PE6 E . 14.95 -6.77 -7.92
H122 PE6 E . 13.61 -6.45 -6.79
C3 PE6 D . -14.37 8.04 -0.63
O2 PE6 D . -14.08 9.25 0.04
P1 PE6 D . -13.07 10.33 -0.59
OP1 PE6 D . -13.41 10.51 -2.02
OP2 PE6 D . -13.05 11.51 0.30
C4 PE6 D . -15.28 7.18 0.24
O5 PE6 D . -14.60 6.86 1.46
C6 PE6 D . -15.43 6.09 2.33
C7 PE6 D . -14.67 5.77 3.61
O8 PE6 D . -14.28 7.01 4.24
C9 PE6 D . -13.59 6.75 5.46
C10 PE6 D . -13.16 8.07 6.11
O11 PE6 D . -12.51 7.78 7.34
O20 PE6 D . -12.42 4.85 15.82
C19 PE6 D . -11.40 5.68 15.32
C18 PE6 D . -11.96 6.60 14.23
O17 PE6 D . -12.42 5.78 13.15
C16 PE6 D . -13.00 6.55 12.08
C15 PE6 D . -11.97 7.45 11.39
O14 PE6 D . -12.49 7.84 10.11
C13 PE6 D . -11.54 8.62 9.38
C12 PE6 D . -12.15 8.99 8.03
H31 PE6 D . -14.88 8.26 -1.57
H32 PE6 D . -13.45 7.49 -0.84
H41 PE6 D . -16.20 7.74 0.46
H42 PE6 D . -15.54 6.26 -0.29
H61 PE6 D . -16.34 6.64 2.58
H62 PE6 D . -15.70 5.15 1.84
H71 PE6 D . -15.30 5.20 4.28
H72 PE6 D . -13.78 5.20 3.36
H91 PE6 D . -14.23 6.20 6.15
H92 PE6 D . -12.69 6.16 5.25
H101 PE6 D . -12.49 8.61 5.44
H102 PE6 D . -14.06 8.67 6.28
H191 PE6 D . -10.58 5.10 14.88
H192 PE6 D . -10.99 6.28 16.13
H181 PE6 D . -12.79 7.18 14.64
H182 PE6 D . -11.17 7.26 13.90
H161 PE6 D . -13.38 5.85 11.33
H162 PE6 D . -13.84 7.14 12.45
H151 PE6 D . -11.78 8.34 11.99
H152 PE6 D . -11.04 6.90 11.25
H131 PE6 D . -11.31 9.54 9.94
H132 PE6 D . -10.63 8.05 9.22
H121 PE6 D . -11.43 9.56 7.43
H122 PE6 D . -13.04 9.60 8.20
C3 PE6 E . 14.16 -15.17 -3.10
O2 PE6 E . 14.19 -14.67 -1.77
P1 PE6 E . 12.85 -14.57 -0.88
OP1 PE6 E . 11.96 -15.70 -1.24
OP2 PE6 E . 13.25 -14.36 0.52
C4 PE6 E . 15.52 -14.94 -3.76
O5 PE6 E . 15.92 -13.57 -3.76
C6 PE6 E . 15.09 -12.74 -4.58
C7 PE6 E . 15.64 -11.31 -4.59
O8 PE6 E . 14.78 -10.49 -5.38
C9 PE6 E . 15.21 -9.13 -5.39
C10 PE6 E . 14.31 -8.31 -6.31
O11 PE6 E . 14.72 -6.94 -6.27
O20 PE6 E . 11.69 -0.33 -12.64
C19 PE6 E . 11.99 -0.99 -11.42
C18 PE6 E . 13.50 -1.30 -11.39
O17 PE6 E . 13.87 -2.18 -10.32
C16 PE6 E . 13.56 -1.65 -9.03
C15 PE6 E . 14.19 -2.52 -7.95
O14 PE6 E . 13.75 -3.87 -8.05
C13 PE6 E . 14.42 -4.69 -7.09
C12 PE6 E . 13.96 -6.14 -7.19
H31 PE6 E . 13.96 -16.24 -3.07
H32 PE6 E . 13.36 -14.69 -3.68
H41 PE6 E . 16.25 -15.52 -3.21
H42 PE6 E . 15.50 -15.32 -4.79
H61 PE6 E . 15.09 -13.12 -5.60
H62 PE6 E . 14.08 -12.72 -4.19
H71 PE6 E . 15.67 -10.93 -3.56
H72 PE6 E . 16.64 -11.31 -5.00
H91 PE6 E . 15.16 -8.72 -4.38
H92 PE6 E . 16.23 -9.07 -5.75
H101 PE6 E . 14.42 -8.69 -7.33
H102 PE6 E . 13.27 -8.40 -5.99
H191 PE6 E . 11.43 -1.93 -11.35
H192 PE6 E . 11.73 -0.34 -10.59
H181 PE6 E . 13.77 -1.78 -12.34
H182 PE6 E . 14.06 -0.37 -11.31
H161 PE6 E . 13.96 -0.64 -8.93
H162 PE6 E . 12.48 -1.63 -8.89
H151 PE6 E . 15.28 -2.48 -8.08
H152 PE6 E . 13.94 -2.12 -6.97
H131 PE6 E . 15.49 -4.66 -7.26
H132 PE6 E . 14.21 -4.32 -6.08
H121 PE6 E . 14.13 -6.50 -8.21
H122 PE6 E . 12.90 -6.21 -6.95
C3 PE6 D . -14.42 8.06 -0.60
O2 PE6 D . -14.11 9.27 0.07
P1 PE6 D . -13.10 10.34 -0.56
OP1 PE6 D . -13.44 10.52 -1.99
OP2 PE6 D . -13.06 11.53 0.33
C4 PE6 D . -15.34 7.22 0.28
O5 PE6 D . -14.67 6.90 1.49
C6 PE6 D . -15.50 6.13 2.37
C7 PE6 D . -14.73 5.83 3.66
O8 PE6 D . -14.32 7.06 4.27
C9 PE6 D . -13.62 6.81 5.49
C10 PE6 D . -13.18 8.13 6.10
O11 PE6 D . -12.53 7.87 7.34
O20 PE6 D . -12.50 5.17 15.91
C19 PE6 D . -11.46 5.97 15.38
C18 PE6 D . -12.01 6.86 14.27
O17 PE6 D . -12.47 6.02 13.20
C16 PE6 D . -13.03 6.76 12.11
C15 PE6 D . -11.99 7.63 11.39
O14 PE6 D . -12.49 7.99 10.11
C13 PE6 D . -11.53 8.75 9.36
C12 PE6 D . -12.14 9.09 8.00
H31 PE6 D . -14.93 8.28 -1.54
H32 PE6 D . -13.51 7.50 -0.80
H41 PE6 D . -16.25 7.79 0.49
H42 PE6 D . -15.60 6.30 -0.26
H61 PE6 D . -16.39 6.70 2.62
H62 PE6 D . -15.78 5.20 1.89
H71 PE6 D . -15.38 5.27 4.33
H72 PE6 D . -13.85 5.23 3.41
H91 PE6 D . -14.26 6.29 6.19
H92 PE6 D . -12.74 6.20 5.28
H101 PE6 D . -12.50 8.65 5.42
H102 PE6 D . -14.06 8.76 6.27
H191 PE6 D . -10.66 5.36 14.97
H192 PE6 D . -11.05 6.60 16.18
H181 PE6 D . -12.83 7.47 14.64
H182 PE6 D . -11.20 7.51 13.92
H161 PE6 D . -13.41 6.04 11.38
H162 PE6 D . -13.85 7.37 12.45
H151 PE6 D . -11.78 8.53 11.97
H152 PE6 D . -11.07 7.06 11.27
H131 PE6 D . -11.28 9.66 9.88
H132 PE6 D . -10.64 8.15 9.20
H121 PE6 D . -11.41 9.62 7.39
H122 PE6 D . -13.02 9.71 8.15
C3 PE6 E . 14.44 -15.08 -3.14
O2 PE6 E . 14.43 -14.61 -1.81
P1 PE6 E . 13.07 -14.54 -0.93
OP1 PE6 E . 12.22 -15.69 -1.32
OP2 PE6 E . 13.45 -14.34 0.48
C4 PE6 E . 15.81 -14.82 -3.78
O5 PE6 E . 16.19 -13.43 -3.75
C6 PE6 E . 15.35 -12.62 -4.57
C7 PE6 E . 15.86 -11.18 -4.56
O8 PE6 E . 15.00 -10.37 -5.36
C9 PE6 E . 15.42 -9.00 -5.35
C10 PE6 E . 14.53 -8.19 -6.29
O11 PE6 E . 14.91 -6.82 -6.24
O20 PE6 E . 11.76 -0.14 -12.51
C19 PE6 E . 12.07 -0.84 -11.31
C18 PE6 E . 13.59 -1.11 -11.27
O17 PE6 E . 13.97 -2.00 -10.22
C16 PE6 E . 13.65 -1.50 -8.92
C15 PE6 E . 14.31 -2.38 -7.85
O14 PE6 E . 13.89 -3.75 -7.98
C13 PE6 E . 14.58 -4.56 -7.03
C12 PE6 E . 14.16 -6.02 -7.16
H31 PE6 E . 14.26 -16.16 -3.12
H32 PE6 E . 13.64 -14.61 -3.72
H41 PE6 E . 16.54 -15.40 -3.21
H42 PE6 E . 15.82 -15.18 -4.81
H61 PE6 E . 15.37 -12.98 -5.61
H62 PE6 E . 14.33 -12.62 -4.21
H71 PE6 E . 15.88 -10.81 -3.53
H72 PE6 E . 16.88 -11.16 -4.96
H91 PE6 E . 15.34 -8.60 -4.34
H92 PE6 E . 16.46 -8.92 -5.69
H101 PE6 E . 14.66 -8.57 -7.31
H102 PE6 E . 13.49 -8.31 -6.01
H191 PE6 E . 11.54 -1.78 -11.27
H192 PE6 E . 11.80 -0.22 -10.45
H181 PE6 E . 13.87 -1.56 -12.23
H182 PE6 E . 14.12 -0.17 -11.17
H161 PE6 E . 14.02 -0.49 -8.81
H162 PE6 E . 12.56 -1.52 -8.78
H151 PE6 E . 15.39 -2.31 -7.98
H152 PE6 E . 14.03 -2.01 -6.86
H131 PE6 E . 15.66 -4.50 -7.20
H132 PE6 E . 14.36 -4.22 -6.02
H121 PE6 E . 14.35 -6.36 -8.19
H122 PE6 E . 13.09 -6.12 -6.95
C3 PE6 D . -14.86 8.30 -0.11
O2 PE6 D . -14.45 9.51 0.52
P1 PE6 D . -13.42 10.51 -0.20
OP1 PE6 D . -13.84 10.66 -1.62
OP2 PE6 D . -13.28 11.72 0.65
C4 PE6 D . -15.78 7.52 0.83
O5 PE6 D . -15.05 7.18 2.01
C6 PE6 D . -15.88 6.47 2.93
C7 PE6 D . -15.06 6.11 4.18
O8 PE6 D . -14.57 7.31 4.78
C9 PE6 D . -13.81 7.03 5.96
C10 PE6 D . -13.29 8.32 6.57
O11 PE6 D . -12.59 8.01 7.78
O20 PE6 D . -12.18 5.14 16.28
C19 PE6 D . -11.14 5.92 15.70
C18 PE6 D . -11.73 6.84 14.64
O17 PE6 D . -12.28 6.04 13.58
C16 PE6 D . -12.87 6.81 12.54
C15 PE6 D . -11.84 7.66 11.78
O14 PE6 D . -12.40 8.07 10.54
C13 PE6 D . -11.46 8.81 9.76
C12 PE6 D . -12.13 9.19 8.43
H31 PE6 D . -15.41 8.53 -1.03
H32 PE6 D . -13.99 7.69 -0.35
H41 PE6 D . -16.63 8.15 1.09
H42 PE6 D . -16.12 6.61 0.33
H61 PE6 D . -16.72 7.09 3.22
H62 PE6 D . -16.24 5.55 2.47
H71 PE6 D . -15.70 5.58 4.89
H72 PE6 D . -14.22 5.48 3.89
H91 PE6 D . -14.45 6.52 6.69
H92 PE6 D . -12.98 6.38 5.71
H101 PE6 D . -12.62 8.82 5.86
H102 PE6 D . -14.14 8.97 6.79
H191 PE6 D . -10.39 5.29 15.23
H192 PE6 D . -10.68 6.51 16.49
H181 PE6 D . -12.51 7.47 15.07
H182 PE6 D . -10.92 7.47 14.25
H161 PE6 D . -13.31 6.12 11.82
H162 PE6 D . -13.66 7.44 12.94
H151 PE6 D . -11.58 8.54 12.37
H152 PE6 D . -10.95 7.07 11.60
H131 PE6 D . -11.15 9.71 10.28
H132 PE6 D . -10.59 8.19 9.54
H121 PE6 D . -11.42 9.72 7.79
H122 PE6 D . -12.97 9.85 8.65
C3 PE6 E . 14.39 -15.34 -2.64
O2 PE6 E . 14.33 -14.82 -1.33
P1 PE6 E . 12.93 -14.68 -0.54
OP1 PE6 E . 12.04 -15.80 -0.94
OP2 PE6 E . 13.21 -14.45 0.89
C4 PE6 E . 15.80 -15.15 -3.21
O5 PE6 E . 16.22 -13.78 -3.19
C6 PE6 E . 15.48 -12.96 -4.09
C7 PE6 E . 16.04 -11.54 -4.09
O8 PE6 E . 15.26 -10.72 -4.97
C9 PE6 E . 15.72 -9.36 -4.95
C10 PE6 E . 14.92 -8.55 -5.97
O11 PE6 E . 15.34 -7.19 -5.92
O20 PE6 E . 13.06 -0.69 -12.67
C19 PE6 E . 13.25 -1.32 -11.43
C18 PE6 E . 14.74 -1.64 -11.23
O17 PE6 E . 14.99 -2.50 -10.12
C16 PE6 E . 14.56 -1.94 -8.88
C15 PE6 E . 15.07 -2.79 -7.72
O14 PE6 E . 14.61 -4.15 -7.84
C13 PE6 E . 15.17 -4.95 -6.80
C12 PE6 E . 14.69 -6.40 -6.92
H31 PE6 E . 14.17 -16.41 -2.61
H32 PE6 E . 13.64 -14.86 -3.29
H41 PE6 E . 16.48 -15.73 -2.58
H42 PE6 E . 15.85 -15.55 -4.23
H61 PE6 E . 15.54 -13.36 -5.11
H62 PE6 E . 14.44 -12.92 -3.79
H71 PE6 E . 16.01 -11.14 -3.07
H72 PE6 E . 17.07 -11.57 -4.43
H91 PE6 E . 15.59 -8.94 -3.96
H92 PE6 E . 16.77 -9.33 -5.23
H101 PE6 E . 15.12 -8.96 -6.97
H102 PE6 E . 13.85 -8.63 -5.76
H191 PE6 E . 12.67 -2.25 -11.38
H192 PE6 E . 12.91 -0.65 -10.62
H181 PE6 E . 15.09 -2.14 -12.14
H182 PE6 E . 15.29 -0.70 -11.12
H161 PE6 E . 14.96 -0.93 -8.76
H162 PE6 E . 13.47 -1.90 -8.85
H151 PE6 E . 16.17 -2.78 -7.74
H152 PE6 E . 14.73 -2.36 -6.78
H131 PE6 E . 16.26 -4.94 -6.86
H132 PE6 E . 14.87 -4.56 -5.82
H121 PE6 E . 14.96 -6.77 -7.91
H122 PE6 E . 13.61 -6.45 -6.80
C3 PE6 D . -14.85 8.29 -0.12
O2 PE6 D . -14.44 9.50 0.50
P1 PE6 D . -13.42 10.50 -0.23
OP1 PE6 D . -13.83 10.65 -1.64
OP2 PE6 D . -13.27 11.71 0.62
C4 PE6 D . -15.78 7.52 0.83
O5 PE6 D . -15.05 7.18 2.01
C6 PE6 D . -15.88 6.48 2.93
C7 PE6 D . -15.06 6.12 4.18
O8 PE6 D . -14.56 7.33 4.77
C9 PE6 D . -13.81 7.03 5.96
C10 PE6 D . -13.29 8.33 6.56
O11 PE6 D . -12.59 8.02 7.77
O20 PE6 D . -12.18 5.16 16.27
C19 PE6 D . -11.15 5.93 15.70
C18 PE6 D . -11.73 6.86 14.63
O17 PE6 D . -12.28 6.05 13.58
C16 PE6 D . -12.87 6.83 12.53
C15 PE6 D . -11.84 7.68 11.79
O14 PE6 D . -12.40 8.08 10.53
C13 PE6 D . -11.46 8.81 9.75
C12 PE6 D . -12.13 9.20 8.43
H31 PE6 D . -15.40 8.52 -1.05
H32 PE6 D . -13.99 7.68 -0.36
H41 PE6 D . -16.63 8.14 1.08
H42 PE6 D . -16.12 6.62 0.32
H61 PE6 D . -16.73 7.10 3.22
H62 PE6 D . -16.25 5.55 2.48
H71 PE6 D . -15.70 5.59 4.89
H72 PE6 D . -14.22 5.48 3.89
H91 PE6 D . -14.46 6.53 6.69
H92 PE6 D . -12.98 6.39 5.71
H101 PE6 D . -12.62 8.83 5.86
H102 PE6 D . -14.14 8.99 6.78
H191 PE6 D . -10.39 5.30 15.23
H192 PE6 D . -10.68 6.52 16.48
H181 PE6 D . -12.51 7.47 15.06
H182 PE6 D . -10.92 7.48 14.25
H161 PE6 D . -13.31 6.13 11.81
H162 PE6 D . -13.66 7.46 12.93
H151 PE6 D . -11.58 8.56 12.36
H152 PE6 D . -10.95 7.08 11.60
H131 PE6 D . -11.15 9.72 10.28
H132 PE6 D . -10.58 8.20 9.54
H121 PE6 D . -11.41 9.73 7.79
H122 PE6 D . -12.97 9.86 8.64
C3 PE6 E . 14.40 -15.33 -2.66
O2 PE6 E . 14.34 -14.81 -1.34
P1 PE6 E . 12.94 -14.68 -0.55
OP1 PE6 E . 12.06 -15.80 -0.96
OP2 PE6 E . 13.23 -14.45 0.88
C4 PE6 E . 15.81 -15.14 -3.22
O5 PE6 E . 16.24 -13.76 -3.20
C6 PE6 E . 15.49 -12.94 -4.11
C7 PE6 E . 16.05 -11.52 -4.09
O8 PE6 E . 15.27 -10.71 -4.97
C9 PE6 E . 15.72 -9.35 -4.96
C10 PE6 E . 14.92 -8.54 -5.98
O11 PE6 E . 15.35 -7.17 -5.92
O20 PE6 E . 13.05 -0.68 -12.67
C19 PE6 E . 13.23 -1.30 -11.42
C18 PE6 E . 14.73 -1.62 -11.25
O17 PE6 E . 14.99 -2.48 -10.12
C16 PE6 E . 14.54 -1.92 -8.89
C15 PE6 E . 15.06 -2.78 -7.73
O14 PE6 E . 14.61 -4.13 -7.84
C13 PE6 E . 15.16 -4.94 -6.80
C12 PE6 E . 14.69 -6.38 -6.92
H31 PE6 E . 14.18 -16.40 -2.63
H32 PE6 E . 13.66 -14.86 -3.29
H41 PE6 E . 16.50 -15.71 -2.59
H42 PE6 E . 15.86 -15.53 -4.24
H61 PE6 E . 15.55 -13.34 -5.12
H62 PE6 E . 14.44 -12.90 -3.81
H71 PE6 E . 16.01 -11.13 -3.08
H72 PE6 E . 17.09 -11.55 -4.43
H91 PE6 E . 15.59 -8.92 -3.97
H92 PE6 E . 16.77 -9.31 -5.23
H101 PE6 E . 15.12 -8.95 -6.97
H102 PE6 E . 13.86 -8.61 -5.76
H191 PE6 E . 12.66 -2.24 -11.38
H192 PE6 E . 12.90 -0.64 -10.63
H181 PE6 E . 15.08 -2.11 -12.14
H182 PE6 E . 15.28 -0.69 -11.13
H161 PE6 E . 14.95 -0.92 -8.76
H162 PE6 E . 13.46 -1.89 -8.84
H151 PE6 E . 16.16 -2.76 -7.74
H152 PE6 E . 14.72 -2.35 -6.78
H131 PE6 E . 16.25 -4.92 -6.86
H132 PE6 E . 14.86 -4.54 -5.82
H121 PE6 E . 14.96 -6.76 -7.91
H122 PE6 E . 13.61 -6.43 -6.79
C3 PE6 D . -14.06 11.51 1.55
O2 PE6 D . -14.12 10.31 0.79
P1 PE6 D . -13.43 10.19 -0.67
OP1 PE6 D . -14.36 9.45 -1.54
OP2 PE6 D . -12.95 11.53 -1.07
C4 PE6 D . -14.59 11.25 2.96
O5 PE6 D . -13.70 10.35 3.61
C6 PE6 D . -14.15 10.00 4.93
C7 PE6 D . -13.12 9.04 5.53
O8 PE6 D . -13.60 8.55 6.78
C9 PE6 D . -12.66 7.62 7.34
C10 PE6 D . -13.22 7.04 8.64
O11 PE6 D . -13.34 8.06 9.64
O20 PE6 D . -12.59 4.58 16.41
C19 PE6 D . -11.97 5.52 15.55
C18 PE6 D . -12.61 6.90 15.71
O17 PE6 D . -14.02 6.78 15.54
C16 PE6 D . -14.70 8.05 15.52
C15 PE6 D . -14.33 8.85 14.25
O14 PE6 D . -14.29 7.93 13.16
C13 PE6 D . -13.91 8.57 11.94
C12 PE6 D . -13.83 7.49 10.86
H31 PE6 D . -13.04 11.87 1.62
H32 PE6 D . -14.69 12.26 1.06
H41 PE6 D . -14.64 12.18 3.52
H42 PE6 D . -15.59 10.80 2.89
H61 PE6 D . -14.21 10.90 5.54
H62 PE6 D . -15.12 9.51 4.88
H71 PE6 D . -12.98 8.21 4.83
H72 PE6 D . -12.18 9.56 5.67
H91 PE6 D . -12.49 6.80 6.64
H92 PE6 D . -11.72 8.12 7.56
H101 PE6 D . -14.20 6.59 8.43
H102 PE6 D . -12.55 6.27 9.00
H191 PE6 D . -12.09 5.22 14.52
H192 PE6 D . -10.90 5.60 15.78
H181 PE6 D . -12.40 7.30 16.71
H182 PE6 D . -12.18 7.55 14.96
H161 PE6 D . -15.77 7.86 15.48
H162 PE6 D . -14.46 8.62 16.42
H151 PE6 D . -15.08 9.61 14.07
H152 PE6 D . -13.36 9.32 14.38
H131 PE6 D . -14.63 9.34 11.66
H132 PE6 D . -12.92 9.03 12.05
H121 PE6 D . -14.83 7.07 10.70
H122 PE6 D . -13.15 6.71 11.20
C3 PE6 E . 14.61 -15.55 -2.15
O2 PE6 E . 14.47 -14.90 -0.92
P1 PE6 E . 13.01 -14.64 -0.24
OP1 PE6 E . 12.13 -15.77 -0.63
OP2 PE6 E . 13.22 -14.33 1.19
C4 PE6 E . 16.05 -15.40 -2.65
O5 PE6 E . 16.48 -14.03 -2.71
C6 PE6 E . 15.73 -13.26 -3.66
C7 PE6 E . 16.30 -11.85 -3.74
O8 PE6 E . 15.48 -11.08 -4.62
C9 PE6 E . 15.95 -9.73 -4.73
C10 PE6 E . 15.06 -8.98 -5.74
O11 PE6 E . 15.50 -7.62 -5.83
O20 PE6 E . 12.29 0.05 -11.75
C19 PE6 E . 13.15 -0.92 -11.18
C18 PE6 E . 13.52 -0.47 -9.77
O17 PE6 E . 14.48 -1.33 -9.12
C16 PE6 E . 14.01 -2.67 -8.99
C15 PE6 E . 14.92 -3.42 -8.02
O14 PE6 E . 14.41 -4.76 -7.84
C13 PE6 E . 15.22 -5.48 -6.90
C12 PE6 E . 14.69 -6.91 -6.78
H31 PE6 E . 14.39 -16.61 -2.02
H32 PE6 E . 13.91 -15.16 -2.89
H41 PE6 E . 16.70 -15.94 -1.97
H42 PE6 E . 16.15 -15.86 -3.65
H61 PE6 E . 15.78 -13.73 -4.65
H62 PE6 E . 14.69 -13.19 -3.35
H71 PE6 E . 16.29 -11.41 -2.74
H72 PE6 E . 17.32 -11.89 -4.11
H91 PE6 E . 15.89 -9.24 -3.76
H92 PE6 E . 16.98 -9.72 -5.09
H101 PE6 E . 15.14 -9.48 -6.70
H102 PE6 E . 14.03 -9.03 -5.39
H191 PE6 E . 14.04 -1.03 -11.78
H192 PE6 E . 12.61 -1.86 -11.13
H181 PE6 E . 13.95 0.53 -9.83
H182 PE6 E . 12.63 -0.40 -9.16
H161 PE6 E . 13.01 -2.67 -8.57
H162 PE6 E . 14.00 -3.17 -9.96
H151 PE6 E . 15.93 -3.46 -8.42
H152 PE6 E . 14.92 -2.91 -7.06
H131 PE6 E . 16.26 -5.51 -7.25
H132 PE6 E . 15.18 -4.99 -5.93
H121 PE6 E . 14.76 -7.39 -7.76
H122 PE6 E . 13.66 -6.90 -6.45
C3 PE6 D . -14.23 11.88 2.65
O2 PE6 D . -14.47 10.83 1.73
P1 PE6 D . -13.90 10.86 0.22
OP1 PE6 D . -14.92 10.24 -0.66
OP2 PE6 D . -13.45 12.24 -0.07
C4 PE6 D . -14.69 11.47 4.05
O5 PE6 D . -13.92 10.34 4.48
C6 PE6 D . -14.29 9.90 5.78
C7 PE6 D . -13.45 8.67 6.15
O8 PE6 D . -13.84 8.20 7.44
C9 PE6 D . -13.11 7.01 7.78
C10 PE6 D . -13.56 6.52 9.16
O11 PE6 D . -13.11 7.45 10.15
O20 PE6 D . -12.30 4.31 15.99
C19 PE6 D . -11.82 5.14 17.03
C18 PE6 D . -12.01 6.61 16.62
O17 PE6 D . -13.40 6.87 16.46
C16 PE6 D . -13.66 8.25 16.14
C15 PE6 D . -13.10 8.65 14.77
O14 PE6 D . -13.51 7.70 13.78
C13 PE6 D . -13.03 8.06 12.49
C12 PE6 D . -13.50 7.03 11.46
H31 PE6 D . -13.17 12.13 2.69
H32 PE6 D . -14.79 12.76 2.33
H41 PE6 D . -14.54 12.30 4.74
H42 PE6 D . -15.74 11.21 4.02
H61 PE6 D . -14.12 10.69 6.51
H62 PE6 D . -15.35 9.62 5.79
H71 PE6 D . -13.61 7.91 5.40
H72 PE6 D . -12.40 8.96 6.15
H91 PE6 D . -13.33 6.23 7.05
H92 PE6 D . -12.05 7.21 7.79
H101 PE6 D . -14.65 6.45 9.18
H102 PE6 D . -13.13 5.55 9.35
H191 PE6 D . -10.76 4.94 17.19
H192 PE6 D . -12.37 4.94 17.95
H181 PE6 D . -11.59 7.24 17.41
H182 PE6 D . -11.47 6.76 15.69
H161 PE6 D . -14.74 8.39 16.10
H162 PE6 D . -13.26 8.89 16.91
H151 PE6 D . -13.50 9.64 14.51
H152 PE6 D . -12.00 8.72 14.80
H131 PE6 D . -13.42 9.04 12.20
H132 PE6 D . -11.93 8.09 12.48
H121 PE6 D . -14.59 6.96 11.51
H122 PE6 D . -13.06 6.05 11.69
C3 PE6 E . 14.43 -15.76 -1.25
O2 PE6 E . 14.14 -14.98 -0.11
P1 PE6 E . 12.61 -14.69 0.34
OP1 PE6 E . 11.77 -15.83 -0.10
OP2 PE6 E . 12.63 -14.30 1.76
C4 PE6 E . 15.93 -15.64 -1.59
O5 PE6 E . 16.36 -14.28 -1.72
C6 PE6 E . 15.73 -13.61 -2.82
C7 PE6 E . 16.30 -12.20 -2.97
O8 PE6 E . 15.56 -11.53 -4.00
C9 PE6 E . 16.00 -10.18 -4.18
C10 PE6 E . 15.17 -9.57 -5.31
O11 PE6 E . 15.53 -8.19 -5.49
O20 PE6 E . 12.80 0.11 -11.82
C19 PE6 E . 13.83 -0.50 -11.05
C18 PE6 E . 13.54 -1.98 -10.77
O17 PE6 E . 14.34 -2.45 -9.68
C16 PE6 E . 14.08 -3.84 -9.44
C15 PE6 E . 14.85 -4.30 -8.19
O14 PE6 E . 14.49 -5.66 -7.92
C13 PE6 E . 15.18 -6.17 -6.78
C12 PE6 E . 14.77 -7.62 -6.57
H31 PE6 E . 14.20 -16.81 -1.06
H32 PE6 E . 13.83 -15.45 -2.11
H41 PE6 E . 16.49 -16.10 -0.77
H42 PE6 E . 16.14 -16.19 -2.51
H61 PE6 E . 15.90 -14.16 -3.74
H62 PE6 E . 14.66 -13.52 -2.65
H71 PE6 E . 16.20 -11.67 -2.03
H72 PE6 E . 17.36 -12.26 -3.25
H91 PE6 E . 15.85 -9.62 -3.27
H92 PE6 E . 17.05 -10.17 -4.45
H101 PE6 E . 15.37 -10.12 -6.23
H102 PE6 E . 14.11 -9.65 -5.06
H191 PE6 E . 13.89 0.03 -10.10
H192 PE6 E . 14.79 -0.41 -11.56
H181 PE6 E . 12.49 -2.07 -10.49
H182 PE6 E . 13.73 -2.57 -11.66
H161 PE6 E . 13.02 -3.99 -9.26
H162 PE6 E . 14.39 -4.44 -10.29
H151 PE6 E . 15.92 -4.22 -8.38
H152 PE6 E . 14.57 -3.66 -7.35
H131 PE6 E . 16.26 -6.11 -6.95
H132 PE6 E . 14.92 -5.58 -5.90
H121 PE6 E . 14.99 -8.17 -7.49
H122 PE6 E . 13.72 -7.67 -6.35
C3 PE6 D . -14.23 11.88 2.65
O2 PE6 D . -14.46 10.83 1.72
P1 PE6 D . -13.90 10.86 0.22
OP1 PE6 D . -14.92 10.23 -0.66
OP2 PE6 D . -13.44 12.24 -0.08
C4 PE6 D . -14.69 11.47 4.04
O5 PE6 D . -13.91 10.34 4.47
C6 PE6 D . -14.29 9.90 5.78
C7 PE6 D . -13.45 8.67 6.15
O8 PE6 D . -13.84 8.20 7.43
C9 PE6 D . -13.11 7.02 7.78
C10 PE6 D . -13.56 6.52 9.16
O11 PE6 D . -13.11 7.45 10.15
O20 PE6 D . -12.30 4.31 15.99
C19 PE6 D . -11.82 5.14 17.03
C18 PE6 D . -12.01 6.61 16.62
O17 PE6 D . -13.40 6.88 16.46
C16 PE6 D . -13.67 8.25 16.13
C15 PE6 D . -13.10 8.65 14.77
O14 PE6 D . -13.51 7.70 13.78
C13 PE6 D . -13.03 8.06 12.49
C12 PE6 D . -13.50 7.03 11.46
H31 PE6 D . -13.16 12.13 2.68
H32 PE6 D . -14.79 12.76 2.33
H41 PE6 D . -14.53 12.29 4.73
H42 PE6 D . -15.74 11.21 4.02
H61 PE6 D . -14.12 10.69 6.51
H62 PE6 D . -15.34 9.62 5.79
H71 PE6 D . -13.61 7.91 5.40
H72 PE6 D . -12.39 8.96 6.16
H91 PE6 D . -13.33 6.23 7.05
H92 PE6 D . -12.05 7.21 7.79
H101 PE6 D . -14.64 6.45 9.17
H102 PE6 D . -13.13 5.55 9.35
H191 PE6 D . -10.76 4.95 17.20
H192 PE6 D . -12.37 4.95 17.94
H181 PE6 D . -11.59 7.25 17.40
H182 PE6 D . -11.47 6.77 15.69
H161 PE6 D . -14.74 8.39 16.10
H162 PE6 D . -13.26 8.89 16.91
H151 PE6 D . -13.50 9.64 14.51
H152 PE6 D . -12.02 8.72 14.80
H131 PE6 D . -13.42 9.04 12.20
H132 PE6 D . -11.93 8.09 12.48
H121 PE6 D . -14.59 6.96 11.51
H122 PE6 D . -13.06 6.07 11.69
C3 PE6 E . 14.43 -15.77 -1.26
O2 PE6 E . 14.13 -15.00 -0.11
P1 PE6 E . 12.61 -14.70 0.34
OP1 PE6 E . 11.77 -15.83 -0.10
OP2 PE6 E . 12.63 -14.30 1.76
C4 PE6 E . 15.93 -15.64 -1.59
O5 PE6 E . 16.35 -14.29 -1.72
C6 PE6 E . 15.73 -13.62 -2.82
C7 PE6 E . 16.30 -12.20 -2.97
O8 PE6 E . 15.55 -11.54 -4.00
C9 PE6 E . 16.00 -10.19 -4.18
C10 PE6 E . 15.17 -9.57 -5.31
O11 PE6 E . 15.53 -8.20 -5.49
O20 PE6 E . 12.81 0.11 -11.81
C19 PE6 E . 13.83 -0.51 -11.05
C18 PE6 E . 13.54 -1.98 -10.76
O17 PE6 E . 14.35 -2.45 -9.69
C16 PE6 E . 14.09 -3.84 -9.43
C15 PE6 E . 14.86 -4.30 -8.19
O14 PE6 E . 14.49 -5.66 -7.92
C13 PE6 E . 15.19 -6.17 -6.78
C12 PE6 E . 14.79 -7.63 -6.57
H31 PE6 E . 14.20 -16.81 -1.06
H32 PE6 E . 13.83 -15.45 -2.11
H41 PE6 E . 16.48 -16.11 -0.78
H42 PE6 E . 16.14 -16.20 -2.50
H61 PE6 E . 15.90 -14.16 -3.74
H62 PE6 E . 14.66 -13.52 -2.65
H71 PE6 E . 16.20 -11.67 -2.03
H72 PE6 E . 17.36 -12.26 -3.25
H91 PE6 E . 15.85 -9.62 -3.27
H92 PE6 E . 17.06 -10.17 -4.45
H101 PE6 E . 15.37 -10.13 -6.22
H102 PE6 E . 14.12 -9.65 -5.06
H191 PE6 E . 13.89 0.02 -10.09
H192 PE6 E . 14.80 -0.41 -11.56
H181 PE6 E . 12.50 -2.07 -10.49
H182 PE6 E . 13.73 -2.57 -11.66
H161 PE6 E . 13.02 -3.99 -9.26
H162 PE6 E . 14.40 -4.43 -10.29
H151 PE6 E . 15.92 -4.23 -8.38
H152 PE6 E . 14.58 -3.67 -7.34
H131 PE6 E . 16.27 -6.12 -6.95
H132 PE6 E . 14.94 -5.58 -5.89
H121 PE6 E . 14.99 -8.17 -7.49
H122 PE6 E . 13.72 -7.68 -6.35
C3 PE6 D . -15.33 10.21 1.49
O2 PE6 D . -14.38 9.38 0.84
P1 PE6 D . -13.65 9.83 -0.53
OP1 PE6 D . -14.37 9.21 -1.66
OP2 PE6 D . -13.44 11.30 -0.49
C4 PE6 D . -15.67 9.58 2.84
O5 PE6 D . -14.46 9.42 3.59
C6 PE6 D . -14.72 8.87 4.89
C7 PE6 D . -13.38 8.70 5.60
O8 PE6 D . -13.60 8.33 6.97
C9 PE6 D . -12.35 8.20 7.66
C10 PE6 D . -12.61 7.89 9.14
O11 PE6 D . -11.37 8.03 9.85
O20 PE6 D . -11.41 4.26 15.68
C19 PE6 D . -10.01 4.20 15.94
C18 PE6 D . -9.32 5.45 15.41
O17 PE6 D . -9.99 6.62 15.89
C16 PE6 D . -9.30 7.83 15.56
C15 PE6 D . -9.12 8.04 14.05
O14 PE6 D . -10.36 7.83 13.36
C13 PE6 D . -10.22 8.07 11.96
C12 PE6 D . -11.54 7.81 11.25
H31 PE6 D . -14.91 11.20 1.66
H32 PE6 D . -16.22 10.29 0.88
H41 PE6 D . -16.36 10.25 3.38
H42 PE6 D . -16.15 8.61 2.69
H61 PE6 D . -15.35 9.56 5.46
H62 PE6 D . -15.21 7.90 4.80
H71 PE6 D . -12.80 7.93 5.10
H72 PE6 D . -12.83 9.64 5.56
H91 PE6 D . -11.77 7.39 7.23
H92 PE6 D . -11.80 9.13 7.60
H101 PE6 D . -13.33 8.61 9.53
H102 PE6 D . -12.99 6.87 9.25
H191 PE6 D . -9.57 3.32 15.46
H192 PE6 D . -9.86 4.14 17.02
H181 PE6 D . -8.28 5.45 15.76
H182 PE6 D . -9.33 5.43 14.32
H161 PE6 D . -9.87 8.67 15.95
H162 PE6 D . -8.32 7.84 16.04
H151 PE6 D . -8.78 9.06 13.89
H152 PE6 D . -8.37 7.36 13.67
H131 PE6 D . -9.92 9.10 11.78
H132 PE6 D . -9.45 7.41 11.56
H121 PE6 D . -12.28 8.50 11.65
H122 PE6 D . -11.87 6.78 11.44
C3 PE6 E . 14.70 -15.46 -1.58
O2 PE6 E . 14.38 -14.75 -0.41
P1 PE6 E . 12.84 -14.56 0.07
OP1 PE6 E . 12.06 -15.73 -0.38
OP2 PE6 E . 12.85 -14.20 1.50
C4 PE6 E . 16.19 -15.24 -1.92
O5 PE6 E . 16.54 -13.86 -2.00
C6 PE6 E . 15.87 -13.18 -3.08
C7 PE6 E . 16.35 -11.74 -3.17
O8 PE6 E . 15.58 -11.08 -4.18
C9 PE6 E . 15.94 -9.71 -4.33
C10 PE6 E . 15.09 -9.10 -5.43
O11 PE6 E . 15.38 -7.71 -5.58
O20 PE6 E . 12.16 0.62 -11.63
C19 PE6 E . 13.22 0.05 -10.90
C18 PE6 E . 13.03 -1.46 -10.67
O17 PE6 E . 13.87 -1.92 -9.61
C16 PE6 E . 13.70 -3.32 -9.40
C15 PE6 E . 14.49 -3.78 -8.18
O14 PE6 E . 14.21 -5.17 -7.95
C13 PE6 E . 14.93 -5.66 -6.81
C12 PE6 E . 14.61 -7.15 -6.64
H31 PE6 E . 14.54 -16.52 -1.41
H32 PE6 E . 14.08 -15.15 -2.42
H41 PE6 E . 16.78 -15.70 -1.13
H42 PE6 E . 16.43 -15.74 -2.86
H61 PE6 E . 16.06 -13.69 -4.01
H62 PE6 E . 14.79 -13.16 -2.89
H71 PE6 E . 16.23 -11.25 -2.22
H72 PE6 E . 17.41 -11.73 -3.45
H91 PE6 E . 15.77 -9.17 -3.40
H92 PE6 E . 17.01 -9.63 -4.60
H101 PE6 E . 15.30 -9.62 -6.37
H102 PE6 E . 14.04 -9.23 -5.19
H191 PE6 E . 13.27 0.53 -9.92
H192 PE6 E . 14.17 0.21 -11.41
H181 PE6 E . 11.99 -1.63 -10.40
H182 PE6 E . 13.26 -2.01 -11.59
H161 PE6 E . 12.65 -3.55 -9.24
H162 PE6 E . 14.05 -3.87 -10.28
H151 PE6 E . 15.55 -3.64 -8.37
H152 PE6 E . 14.20 -3.18 -7.31
H131 PE6 E . 16.00 -5.55 -6.99
H132 PE6 E . 14.65 -5.12 -5.92
H121 PE6 E . 14.83 -7.66 -7.58
H122 PE6 E . 13.54 -7.26 -6.43
C3 PE6 D . -15.52 9.27 1.15
O2 PE6 D . -14.29 8.80 0.64
P1 PE6 D . -13.52 9.53 -0.56
OP1 PE6 D . -14.10 9.03 -1.84
OP2 PE6 D . -13.48 10.99 -0.29
C4 PE6 D . -15.83 8.51 2.45
O5 PE6 D . -14.71 8.66 3.33
C6 PE6 D . -14.94 7.99 4.57
C7 PE6 D . -13.69 8.18 5.45
O8 PE6 D . -13.92 7.64 6.75
C9 PE6 D . -12.77 7.85 7.58
C10 PE6 D . -13.07 7.37 9.00
O11 PE6 D . -11.99 7.76 9.85
O20 PE6 D . -11.47 4.13 15.90
C19 PE6 D . -10.49 4.73 16.73
C18 PE6 D . -10.10 6.09 16.16
O17 PE6 D . -11.22 6.96 16.18
C16 PE6 D . -10.90 8.30 15.78
C15 PE6 D . -10.46 8.40 14.31
O14 PE6 D . -11.47 7.84 13.47
C13 PE6 D . -11.13 7.99 12.09
C12 PE6 D . -12.26 7.45 11.22
H31 PE6 D . -15.45 10.33 1.39
H32 PE6 D . -16.32 9.11 0.42
H41 PE6 D . -16.73 8.91 2.90
H42 PE6 D . -15.98 7.45 2.21
H61 PE6 D . -15.80 8.41 5.08
H62 PE6 D . -15.10 6.92 4.40
H71 PE6 D . -12.85 7.66 4.98
H72 PE6 D . -13.47 9.24 5.52
H91 PE6 D . -11.93 7.29 7.18
H92 PE6 D . -12.52 8.91 7.63
H101 PE6 D . -13.99 7.85 9.34
H102 PE6 D . -13.20 6.28 9.02
H191 PE6 D . -9.60 4.10 16.78
H192 PE6 D . -10.88 4.86 17.74
H181 PE6 D . -9.29 6.50 16.77
H182 PE6 D . -9.74 5.95 15.14
H161 PE6 D . -11.78 8.91 15.90
H162 PE6 D . -10.11 8.70 16.42
H151 PE6 D . -10.34 9.46 14.07
H152 PE6 D . -9.51 7.90 14.15
H131 PE6 D . -11.01 9.05 11.87
H132 PE6 D . -10.20 7.47 11.87
H121 PE6 D . -13.20 7.92 11.53
H122 PE6 D . -12.35 6.36 11.35
C3 PE6 E . 14.66 -15.53 -1.64
O2 PE6 E . 14.33 -14.81 -0.46
P1 PE6 E . 12.80 -14.62 0.02
OP1 PE6 E . 12.01 -15.77 -0.44
OP2 PE6 E . 12.82 -14.27 1.45
C4 PE6 E . 16.14 -15.32 -1.98
O5 PE6 E . 16.51 -13.93 -2.05
C6 PE6 E . 15.84 -13.25 -3.12
C7 PE6 E . 16.35 -11.81 -3.22
O8 PE6 E . 15.57 -11.14 -4.22
C9 PE6 E . 15.95 -9.77 -4.36
C10 PE6 E . 15.10 -9.16 -5.47
O11 PE6 E . 15.40 -7.75 -5.60
O20 PE6 E . 12.20 0.61 -11.60
C19 PE6 E . 13.27 0.03 -10.87
C18 PE6 E . 13.08 -1.48 -10.66
O17 PE6 E . 13.92 -1.94 -9.61
C16 PE6 E . 13.75 -3.35 -9.41
C15 PE6 E . 14.53 -3.82 -8.18
O14 PE6 E . 14.24 -5.19 -7.95
C13 PE6 E . 14.97 -5.71 -6.83
C12 PE6 E . 14.62 -7.19 -6.66
H31 PE6 E . 14.48 -16.59 -1.48
H32 PE6 E . 14.02 -15.20 -2.47
H41 PE6 E . 16.73 -15.78 -1.18
H42 PE6 E . 16.38 -15.82 -2.91
H61 PE6 E . 16.03 -13.75 -4.07
H62 PE6 E . 14.77 -13.22 -2.94
H71 PE6 E . 16.22 -11.31 -2.26
H72 PE6 E . 17.40 -11.81 -3.49
H91 PE6 E . 15.78 -9.24 -3.42
H92 PE6 E . 17.01 -9.70 -4.64
H101 PE6 E . 15.31 -9.68 -6.40
H102 PE6 E . 14.04 -9.28 -5.22
H191 PE6 E . 13.31 0.52 -9.89
H192 PE6 E . 14.22 0.21 -11.38
H181 PE6 E . 12.04 -1.66 -10.40
H182 PE6 E . 13.32 -2.01 -11.58
H161 PE6 E . 12.69 -3.58 -9.25
H162 PE6 E . 14.10 -3.89 -10.29
H151 PE6 E . 15.61 -3.68 -8.37
H152 PE6 E . 14.24 -3.23 -7.32
H131 PE6 E . 16.04 -5.60 -7.00
H132 PE6 E . 14.68 -5.16 -5.92
H121 PE6 E . 14.85 -7.70 -7.60
H122 PE6 E . 13.56 -7.30 -6.45
C3 PE6 D . -15.61 8.99 1.50
O2 PE6 D . -14.37 8.59 0.98
P1 PE6 D . -13.65 9.37 -0.23
OP1 PE6 D . -14.22 8.87 -1.50
OP2 PE6 D . -13.68 10.82 0.06
C4 PE6 D . -15.87 8.19 2.78
O5 PE6 D . -14.77 8.41 3.67
C6 PE6 D . -14.92 7.70 4.90
C7 PE6 D . -13.68 7.97 5.76
O8 PE6 D . -13.87 7.40 7.06
C9 PE6 D . -12.72 7.66 7.89
C10 PE6 D . -12.97 7.13 9.30
O11 PE6 D . -11.89 7.55 10.14
O20 PE6 D . -11.04 3.76 16.09
C19 PE6 D . -10.07 4.39 16.89
C18 PE6 D . -9.74 5.77 16.34
O17 PE6 D . -10.91 6.60 16.42
C16 PE6 D . -10.66 7.95 16.05
C15 PE6 D . -10.27 8.12 14.57
O14 PE6 D . -11.27 7.53 13.74
C13 PE6 D . -10.98 7.76 12.36
C12 PE6 D . -12.11 7.18 11.50
H31 PE6 D . -15.60 10.04 1.74
H32 PE6 D . -16.41 8.79 0.78
H41 PE6 D . -16.79 8.54 3.26
H42 PE6 D . -15.95 7.14 2.55
H61 PE6 D . -15.81 8.07 5.42
H62 PE6 D . -15.01 6.64 4.72
H71 PE6 D . -12.81 7.52 5.27
H72 PE6 D . -13.53 9.04 5.84
H91 PE6 D . -11.84 7.17 7.47
H92 PE6 D . -12.54 8.74 7.94
H101 PE6 D . -13.90 7.57 9.66
H102 PE6 D . -13.06 6.05 9.29
H191 PE6 D . -9.15 3.79 16.88
H192 PE6 D . -10.42 4.48 17.91
H181 PE6 D . -8.94 6.20 16.94
H182 PE6 D . -9.41 5.67 15.30
H161 PE6 D . -11.57 8.53 16.21
H162 PE6 D . -9.87 8.37 16.68
H151 PE6 D . -10.19 9.18 14.36
H152 PE6 D . -9.30 7.66 14.36
H131 PE6 D . -10.90 8.82 12.16
H132 PE6 D . -10.04 7.27 12.09
H121 PE6 D . -13.05 7.62 11.85
H122 PE6 D . -12.16 6.10 11.60
C3 PE6 E . 14.30 -15.69 -1.19
O2 PE6 E . 13.95 -14.93 -0.05
P1 PE6 E . 12.42 -14.65 0.36
OP1 PE6 E . 11.59 -15.80 -0.10
OP2 PE6 E . 12.38 -14.26 1.79
C4 PE6 E . 15.80 -15.55 -1.47
O5 PE6 E . 16.23 -14.19 -1.57
C6 PE6 E . 15.63 -13.50 -2.69
C7 PE6 E . 16.19 -12.08 -2.79
O8 PE6 E . 15.48 -11.41 -3.84
C9 PE6 E . 15.91 -10.06 -3.99
C10 PE6 E . 15.13 -9.44 -5.15
O11 PE6 E . 15.48 -8.06 -5.30
O20 PE6 E . 12.89 0.31 -11.59
C19 PE6 E . 13.90 -0.31 -10.80
C18 PE6 E . 13.61 -1.80 -10.56
O17 PE6 E . 14.38 -2.28 -9.46
C16 PE6 E . 14.13 -3.67 -9.23
C15 PE6 E . 14.86 -4.14 -7.97
O14 PE6 E . 14.50 -5.50 -7.73
C13 PE6 E . 15.16 -6.02 -6.58
C12 PE6 E . 14.77 -7.49 -6.40
H31 PE6 E . 14.07 -16.73 -1.01
H32 PE6 E . 13.72 -15.37 -2.05
H41 PE6 E . 16.34 -16.01 -0.65
H42 PE6 E . 16.05 -16.08 -2.38
H61 PE6 E . 15.84 -14.04 -3.61
H62 PE6 E . 14.55 -13.43 -2.54
H71 PE6 E . 16.05 -11.56 -1.85
H72 PE6 E . 17.25 -12.13 -3.03
H91 PE6 E . 15.73 -9.51 -3.08
H92 PE6 E . 16.98 -10.03 -4.23
H101 PE6 E . 15.37 -9.98 -6.06
H102 PE6 E . 14.06 -9.53 -4.94
H191 PE6 E . 13.92 0.20 -9.85
H192 PE6 E . 14.87 -0.20 -11.28
H181 PE6 E . 12.56 -1.90 -10.32
H182 PE6 E . 13.84 -2.37 -11.45
H161 PE6 E . 13.07 -3.83 -9.10
H162 PE6 E . 14.48 -4.24 -10.09
H151 PE6 E . 15.94 -4.05 -8.13
H152 PE6 E . 14.56 -3.52 -7.13
H131 PE6 E . 16.24 -5.95 -6.71
H132 PE6 E . 14.88 -5.45 -5.69
H121 PE6 E . 15.00 -8.02 -7.31
H122 PE6 E . 13.70 -7.55 -6.22
C3 PE6 D . -14.78 8.46 -0.59
O2 PE6 D . -14.38 9.60 0.15
P1 PE6 D . -13.22 10.60 -0.37
OP1 PE6 D . -13.51 10.94 -1.78
OP2 PE6 D . -13.09 11.69 0.62
C4 PE6 D . -14.00 7.21 -0.17
O5 PE6 D . -14.29 6.92 1.19
C6 PE6 D . -13.64 5.72 1.61
C7 PE6 D . -14.07 5.39 3.05
O8 PE6 D . -13.54 6.38 3.95
C9 PE6 D . -13.97 6.12 5.29
C10 PE6 D . -13.31 7.08 6.26
O11 PE6 D . -13.63 6.69 7.59
O20 PE6 D . -13.19 4.65 16.74
C19 PE6 D . -12.68 5.94 16.42
C18 PE6 D . -12.40 6.09 14.92
O17 PE6 D . -12.21 7.47 14.61
C16 PE6 D . -11.79 7.67 13.26
C15 PE6 D . -12.80 7.13 12.23
O14 PE6 D . -12.43 7.56 10.93
C13 PE6 D . -13.31 6.99 9.95
C12 PE6 D . -12.93 7.48 8.56
H31 PE6 D . -15.84 8.28 -0.38
H32 PE6 D . -14.68 8.62 -1.67
H41 PE6 D . -14.32 6.39 -0.80
H42 PE6 D . -12.93 7.36 -0.31
H61 PE6 D . -13.97 4.89 0.98
H62 PE6 D . -12.56 5.82 1.55
H71 PE6 D . -15.15 5.38 3.11
H72 PE6 D . -13.67 4.41 3.32
H91 PE6 D . -15.05 6.21 5.36
H92 PE6 D . -13.69 5.10 5.56
H101 PE6 D . -12.23 7.03 6.12
H102 PE6 D . -13.65 8.10 6.07
H191 PE6 D . -11.78 6.14 16.99
H192 PE6 D . -13.44 6.67 16.71
H181 PE6 D . -11.49 5.53 14.67
H182 PE6 D . -13.24 5.69 14.37
H161 PE6 D . -11.67 8.75 13.08
H162 PE6 D . -10.81 7.19 13.09
H151 PE6 D . -12.78 6.04 12.26
H152 PE6 D . -13.79 7.49 12.48
H131 PE6 D . -13.24 5.91 9.98
H132 PE6 D . -14.34 7.29 10.16
H121 PE6 D . -11.86 7.35 8.42
H122 PE6 D . -13.19 8.53 8.45
C3 PE6 E . 10.96 -13.85 -3.02
O2 PE6 E . 12.34 -14.09 -2.81
P1 PE6 E . 12.90 -14.53 -1.36
OP1 PE6 E . 12.22 -15.79 -1.00
OP2 PE6 E . 14.38 -14.48 -1.40
C4 PE6 E . 10.71 -13.38 -4.46
O5 PE6 E . 11.56 -12.27 -4.78
C6 PE6 E . 11.24 -11.77 -6.08
C7 PE6 E . 12.21 -10.65 -6.48
O8 PE6 E . 11.70 -10.03 -7.66
C9 PE6 E . 12.59 -9.02 -8.16
C10 PE6 E . 11.90 -8.36 -9.36
O11 PE6 E . 12.72 -7.34 -9.93
O20 PE6 E . 12.20 0.61 -11.44
C19 PE6 E . 13.01 0.60 -10.28
C18 PE6 E . 14.40 0.06 -10.61
O17 PE6 E . 14.35 -1.17 -11.35
C16 PE6 E . 13.75 -2.24 -10.62
C15 PE6 E . 13.77 -3.50 -11.49
O14 PE6 E . 13.04 -4.55 -10.86
C13 PE6 E . 12.97 -5.70 -11.70
C12 PE6 E . 12.08 -6.77 -11.07
H31 PE6 E . 10.39 -14.75 -2.84
H32 PE6 E . 10.61 -13.06 -2.35
H41 PE6 E . 10.91 -14.21 -5.14
H42 PE6 E . 9.66 -13.09 -4.54
H61 PE6 E . 11.31 -12.56 -6.82
H62 PE6 E . 10.22 -11.37 -6.08
H71 PE6 E . 12.29 -9.92 -5.67
H72 PE6 E . 13.19 -11.08 -6.66
H91 PE6 E . 12.79 -8.27 -7.40
H92 PE6 E . 13.53 -9.48 -8.48
H101 PE6 E . 11.71 -9.13 -10.11
H102 PE6 E . 10.95 -7.94 -9.04
H191 PE6 E . 12.55 -0.01 -9.50
H192 PE6 E . 13.10 1.62 -9.90
H181 PE6 E . 14.93 0.80 -11.21
H182 PE6 E . 14.97 -0.09 -9.68
H161 PE6 E . 14.30 -2.44 -9.70
H162 PE6 E . 12.71 -2.02 -10.40
H151 PE6 E . 13.30 -3.25 -12.45
H152 PE6 E . 14.80 -3.81 -11.67
H131 PE6 E . 12.51 -5.42 -12.66
H132 PE6 E . 13.96 -6.09 -11.89
H121 PE6 E . 11.90 -7.55 -11.81
H122 PE6 E . 11.13 -6.32 -10.78
C3 PE6 D . -14.68 8.60 -0.67
O2 PE6 D . -14.29 9.71 0.11
P1 PE6 D . -13.13 10.73 -0.36
OP1 PE6 D . -13.40 11.13 -1.76
OP2 PE6 D . -13.01 11.78 0.69
C4 PE6 D . -13.88 7.34 -0.32
O5 PE6 D . -14.16 6.99 1.04
C6 PE6 D . -13.49 5.78 1.41
C7 PE6 D . -13.89 5.42 2.84
O8 PE6 D . -13.39 6.39 3.77
C9 PE6 D . -13.83 6.07 5.10
C10 PE6 D . -13.20 7.04 6.10
O11 PE6 D . -13.55 6.63 7.42
O20 PE6 D . -13.40 4.54 16.55
C19 PE6 D . -12.90 5.84 16.27
C18 PE6 D . -12.56 6.01 14.78
O17 PE6 D . -12.38 7.40 14.48
C16 PE6 D . -11.92 7.61 13.14
C15 PE6 D . -12.88 7.05 12.09
O14 PE6 D . -12.48 7.50 10.79
C13 PE6 D . -13.32 6.92 9.78
C12 PE6 D . -12.90 7.42 8.41
H31 PE6 D . -15.74 8.40 -0.46
H32 PE6 D . -14.59 8.81 -1.74
H41 PE6 D . -14.21 6.53 -0.97
H42 PE6 D . -12.82 7.51 -0.46
H61 PE6 D . -13.80 4.98 0.75
H62 PE6 D . -12.41 5.92 1.35
H71 PE6 D . -14.97 5.37 2.90
H72 PE6 D . -13.47 4.43 3.08
H91 PE6 D . -14.91 6.14 5.16
H92 PE6 D . -13.51 5.06 5.36
H101 PE6 D . -12.12 7.02 5.99
H102 PE6 D . -13.56 8.05 5.91
H191 PE6 D . -12.01 6.03 16.87
H192 PE6 D . -13.67 6.55 16.53
H181 PE6 D . -11.65 5.46 14.56
H182 PE6 D . -13.39 5.61 14.19
H161 PE6 D . -11.81 8.69 12.98
H162 PE6 D . -10.94 7.15 13.02
H151 PE6 D . -12.85 5.97 12.11
H152 PE6 D . -13.89 7.40 12.30
H131 PE6 D . -13.23 5.83 9.81
H132 PE6 D . -14.36 7.20 9.96
H121 PE6 D . -11.82 7.32 8.30
H122 PE6 D . -13.17 8.47 8.30
C3 PE6 E . 11.04 -13.80 -3.14
O2 PE6 E . 12.42 -14.00 -2.96
P1 PE6 E . 13.03 -14.46 -1.52
OP1 PE6 E . 12.39 -15.73 -1.15
OP2 PE6 E . 14.50 -14.36 -1.59
C4 PE6 E . 10.75 -13.33 -4.57
O5 PE6 E . 11.56 -12.19 -4.89
C6 PE6 E . 11.20 -11.68 -6.18
C7 PE6 E . 12.12 -10.53 -6.58
O8 PE6 E . 11.57 -9.91 -7.74
C9 PE6 E . 12.41 -8.87 -8.26
C10 PE6 E . 11.67 -8.22 -9.42
O11 PE6 E . 12.43 -7.16 -9.99
O20 PE6 E . 11.56 0.78 -11.42
C19 PE6 E . 12.40 0.80 -10.28
C18 PE6 E . 13.80 0.32 -10.65
O17 PE6 E . 13.78 -0.90 -11.40
C16 PE6 E . 13.23 -2.00 -10.66
C15 PE6 E . 13.28 -3.25 -11.55
O14 PE6 E . 12.60 -4.33 -10.90
C13 PE6 E . 12.56 -5.48 -11.75
C12 PE6 E . 11.73 -6.59 -11.10
H31 PE6 E . 10.49 -14.73 -2.95
H32 PE6 E . 10.68 -13.04 -2.45
H41 PE6 E . 10.96 -14.14 -5.26
H42 PE6 E . 9.69 -13.07 -4.63
H61 PE6 E . 11.28 -12.47 -6.93
H62 PE6 E . 10.16 -11.32 -6.15
H71 PE6 E . 12.19 -9.81 -5.77
H72 PE6 E . 13.11 -10.93 -6.80
H91 PE6 E . 12.60 -8.12 -7.49
H92 PE6 E . 13.35 -9.29 -8.60
H101 PE6 E . 11.48 -8.99 -10.17
H102 PE6 E . 10.70 -7.83 -9.06
H191 PE6 E . 12.00 0.17 -9.49
H192 PE6 E . 12.47 1.82 -9.89
H181 PE6 E . 14.28 1.08 -11.26
H182 PE6 E . 14.40 0.18 -9.74
H161 PE6 E . 13.81 -2.17 -9.76
H162 PE6 E . 12.20 -1.81 -10.42
H151 PE6 E . 12.78 -3.02 -12.49
H152 PE6 E . 14.32 -3.52 -11.74
H131 PE6 E . 12.07 -5.22 -12.69
H132 PE6 E . 13.57 -5.84 -11.96
H121 PE6 E . 11.57 -7.36 -11.85
H122 PE6 E . 10.77 -6.18 -10.79
#